data_6TCY
#
_entry.id   6TCY
#
_cell.length_a   54.809
_cell.length_b   83.811
_cell.length_c   86.092
_cell.angle_alpha   90
_cell.angle_beta   97.971
_cell.angle_gamma   90
#
_symmetry.space_group_name_H-M   'P 1 21 1'
#
loop_
_entity.id
_entity.type
_entity.pdbx_description
1 polymer 'Histone deacetylase 6'
2 non-polymer 'ZINC ION'
3 non-polymer 'POTASSIUM ION'
4 non-polymer 4-[[[4-(aminomethyl)phenyl]carbamoyl-(4-oxidanylbutyl)amino]methyl]-~{N}-oxidanyl-benzamide
5 non-polymer 1,2-ETHANEDIOL
6 non-polymer 2-[2-(2-METHOXY-ETHOXY)-ETHOXY]-ETHOXYL
7 non-polymer GLYCEROL
8 non-polymer 'CHLORIDE ION'
9 non-polymer 2-METHOXYETHANOL
10 non-polymer 'DIMETHYL SULFOXIDE'
11 water water
#
_entity_poly.entity_id   1
_entity_poly.type   'polypeptide(L)'
_entity_poly.pdbx_seq_one_letter_code
;SSPITGLVYDQRMMLHHNMWDSHHPELPQRISRIFSRHEELRLLSRCHRIPARLATEEELALCHSSKHISIIKSSEHMKP
RDLNRLGDEYNSIFISNESYTCALLAAGSCFNSAQAILTGQVRNAVAIVRPPGHHAEKDTACGFCFFNTAALTARYAQSI
TRESLRVLIVDWDVHHGNGTQHIFEEDDSVLYISLHRYEDGAFFPNSEDANYDKVGLGKGRGYNVNIPWNGGKMGDPEYM
AAFHHLVMPIAREFAPELVLVSAGFDAARGDPLGGFQVTPEGYAHLTHQLMSLAAGRVLIILEGGYNLTSISESMSMCTS
MLLGDSPPSLDHLTPLKTSATVSINNVLRAHAPFWSSLR
;
_entity_poly.pdbx_strand_id   AAA,BBB
#
loop_
_chem_comp.id
_chem_comp.type
_chem_comp.name
_chem_comp.formula
CL non-polymer 'CHLORIDE ION' 'Cl -1'
DMS non-polymer 'DIMETHYL SULFOXIDE' 'C2 H6 O S'
EDO non-polymer 1,2-ETHANEDIOL 'C2 H6 O2'
GOL non-polymer GLYCEROL 'C3 H8 O3'
K non-polymer 'POTASSIUM ION' 'K 1'
MXE non-polymer 2-METHOXYETHANOL 'C3 H8 O2'
N28 non-polymer 4-[[[4-(aminomethyl)phenyl]carbamoyl-(4-oxidanylbutyl)amino]methyl]-~{N}-oxidanyl-benzamide 'C20 H26 N4 O4'
TOE non-polymer 2-[2-(2-METHOXY-ETHOXY)-ETHOXY]-ETHOXYL 'C7 H16 O4'
ZN non-polymer 'ZINC ION' 'Zn 2'
#
# COMPACT_ATOMS: atom_id res chain seq x y z
N PRO A 3 -4.13 -14.22 -22.64
CA PRO A 3 -4.93 -13.42 -21.66
C PRO A 3 -6.15 -12.64 -22.23
N ILE A 4 -7.25 -12.65 -21.49
CA ILE A 4 -8.48 -11.90 -21.90
C ILE A 4 -8.32 -10.42 -21.56
N THR A 5 -7.49 -10.07 -20.57
CA THR A 5 -7.36 -8.68 -20.04
C THR A 5 -5.98 -8.11 -20.40
N GLY A 6 -5.98 -6.96 -21.07
CA GLY A 6 -4.76 -6.17 -21.33
C GLY A 6 -4.39 -5.24 -20.18
N LEU A 7 -3.12 -4.86 -20.08
CA LEU A 7 -2.63 -3.92 -19.06
C LEU A 7 -1.51 -3.13 -19.71
N VAL A 8 -1.62 -1.82 -19.62
CA VAL A 8 -0.55 -0.92 -20.07
C VAL A 8 -0.02 -0.16 -18.85
N TYR A 9 1.30 0.02 -18.81
CA TYR A 9 2.04 0.73 -17.74
C TYR A 9 3.43 0.99 -18.28
N ASP A 10 3.89 2.21 -18.14
CA ASP A 10 5.27 2.56 -18.55
C ASP A 10 5.80 3.57 -17.52
N GLN A 11 6.86 3.17 -16.83
CA GLN A 11 7.49 3.97 -15.75
C GLN A 11 7.93 5.33 -16.33
N ARG A 12 8.04 5.49 -17.64
CA ARG A 12 8.40 6.82 -18.24
C ARG A 12 7.36 7.89 -17.89
N MET A 13 6.10 7.49 -17.60
CA MET A 13 5.07 8.49 -17.26
C MET A 13 5.30 9.03 -15.84
N MET A 14 6.22 8.44 -15.05
CA MET A 14 6.66 9.03 -13.77
C MET A 14 7.42 10.36 -13.95
N LEU A 15 7.97 10.64 -15.15
CA LEU A 15 8.97 11.75 -15.27
C LEU A 15 8.28 13.13 -15.18
N HIS A 16 6.97 13.21 -15.36
CA HIS A 16 6.17 14.44 -15.12
C HIS A 16 6.17 14.71 -13.62
N HIS A 17 6.60 15.88 -13.21
CA HIS A 17 6.83 16.19 -11.77
C HIS A 17 6.61 17.67 -11.53
N ASN A 18 6.34 17.99 -10.26
CA ASN A 18 6.11 19.38 -9.79
C ASN A 18 7.42 19.91 -9.23
N MET A 19 8.11 20.80 -9.93
CA MET A 19 9.47 21.17 -9.50
C MET A 19 9.42 22.17 -8.34
N TRP A 20 8.25 22.73 -8.01
CA TRP A 20 8.13 23.71 -6.91
C TRP A 20 7.42 23.12 -5.71
N ASP A 21 6.71 22.01 -5.85
CA ASP A 21 6.14 21.29 -4.68
C ASP A 21 6.22 19.79 -4.96
N SER A 22 7.28 19.14 -4.49
CA SER A 22 7.58 17.72 -4.76
C SER A 22 6.54 16.83 -4.04
N HIS A 23 5.72 17.40 -3.16
CA HIS A 23 4.67 16.68 -2.39
C HIS A 23 3.29 16.94 -2.98
N HIS A 24 3.21 17.67 -4.09
CA HIS A 24 1.92 17.86 -4.81
C HIS A 24 1.29 16.47 -4.99
N PRO A 25 0.00 16.29 -4.67
CA PRO A 25 -0.60 14.95 -4.63
C PRO A 25 -0.67 14.22 -5.97
N GLU A 26 -0.60 14.91 -7.11
CA GLU A 26 -0.50 14.22 -8.44
C GLU A 26 0.93 13.74 -8.62
N LEU A 27 1.34 12.74 -7.84
CA LEU A 27 2.71 12.23 -7.67
C LEU A 27 3.10 11.24 -8.75
N PRO A 28 4.36 11.26 -9.22
CA PRO A 28 4.88 10.17 -10.02
C PRO A 28 4.51 8.77 -9.53
N GLN A 29 4.58 8.56 -8.22
CA GLN A 29 4.51 7.24 -7.59
C GLN A 29 3.04 6.80 -7.55
N ARG A 30 2.08 7.63 -7.98
CA ARG A 30 0.70 7.12 -8.16
C ARG A 30 0.69 5.87 -9.07
N ILE A 31 1.33 5.95 -10.21
CA ILE A 31 1.27 4.84 -11.24
C ILE A 31 2.17 3.67 -10.79
N SER A 32 3.38 3.93 -10.27
CA SER A 32 4.27 2.83 -9.83
C SER A 32 3.67 2.06 -8.64
N ARG A 33 2.96 2.75 -7.72
CA ARG A 33 2.30 2.07 -6.58
C ARG A 33 1.17 1.17 -7.10
N ILE A 34 0.38 1.64 -8.06
CA ILE A 34 -0.73 0.82 -8.61
C ILE A 34 -0.08 -0.39 -9.30
N PHE A 35 1.03 -0.18 -10.01
CA PHE A 35 1.62 -1.29 -10.81
C PHE A 35 2.19 -2.32 -9.82
N SER A 36 2.86 -1.84 -8.77
CA SER A 36 3.47 -2.72 -7.75
C SER A 36 2.36 -3.58 -7.12
N ARG A 37 1.23 -2.98 -6.81
CA ARG A 37 0.08 -3.70 -6.20
C ARG A 37 -0.37 -4.85 -7.13
N HIS A 38 -0.45 -4.59 -8.42
CA HIS A 38 -0.75 -5.60 -9.44
C HIS A 38 0.24 -6.76 -9.32
N GLU A 39 1.54 -6.50 -9.14
CA GLU A 39 2.55 -7.57 -8.96
C GLU A 39 2.25 -8.32 -7.67
N GLU A 40 2.02 -7.61 -6.56
CA GLU A 40 1.86 -8.20 -5.23
C GLU A 40 0.64 -9.12 -5.27
N LEU A 41 -0.39 -8.76 -6.01
CA LEU A 41 -1.66 -9.54 -6.01
C LEU A 41 -1.62 -10.61 -7.11
N ARG A 42 -0.51 -10.70 -7.86
CA ARG A 42 -0.28 -11.65 -8.98
C ARG A 42 -1.31 -11.43 -10.08
N LEU A 43 -1.75 -10.19 -10.25
CA LEU A 43 -2.64 -9.78 -11.37
C LEU A 43 -1.81 -9.52 -12.62
N LEU A 44 -0.61 -8.92 -12.52
CA LEU A 44 0.13 -8.53 -13.72
C LEU A 44 0.34 -9.74 -14.65
N SER A 45 0.75 -10.90 -14.12
CA SER A 45 1.09 -12.07 -14.96
C SER A 45 -0.17 -12.67 -15.60
N ARG A 46 -1.36 -12.45 -15.04
CA ARG A 46 -2.64 -12.89 -15.64
C ARG A 46 -3.06 -12.00 -16.82
N CYS A 47 -2.38 -10.88 -17.06
CA CYS A 47 -2.82 -9.89 -18.08
C CYS A 47 -1.93 -9.99 -19.30
N HIS A 48 -2.46 -9.59 -20.45
CA HIS A 48 -1.63 -9.41 -21.68
C HIS A 48 -0.99 -8.04 -21.57
N ARG A 49 0.34 -7.94 -21.56
CA ARG A 49 0.99 -6.62 -21.51
C ARG A 49 0.84 -5.95 -22.85
N ILE A 50 0.30 -4.74 -22.85
CA ILE A 50 0.15 -3.87 -24.05
C ILE A 50 1.21 -2.78 -23.93
N PRO A 51 2.02 -2.51 -24.96
CA PRO A 51 3.06 -1.50 -24.83
C PRO A 51 2.50 -0.07 -24.88
N ALA A 52 3.09 0.85 -24.11
CA ALA A 52 2.87 2.31 -24.28
C ALA A 52 3.41 2.73 -25.64
N ARG A 53 2.88 3.84 -26.16
CA ARG A 53 3.50 4.59 -27.28
C ARG A 53 3.08 6.04 -27.09
N LEU A 54 3.78 6.92 -27.79
CA LEU A 54 3.37 8.32 -27.96
C LEU A 54 2.15 8.43 -28.88
N ALA A 55 1.18 9.22 -28.45
CA ALA A 55 0.17 9.86 -29.33
C ALA A 55 0.95 10.72 -30.32
N THR A 56 0.46 10.79 -31.55
CA THR A 56 0.96 11.71 -32.59
C THR A 56 0.23 13.04 -32.45
N GLU A 57 0.84 14.12 -32.92
CA GLU A 57 0.14 15.42 -32.97
C GLU A 57 -1.17 15.27 -33.78
N GLU A 58 -1.21 14.43 -34.83
CA GLU A 58 -2.42 14.25 -35.66
C GLU A 58 -3.50 13.62 -34.77
N GLU A 59 -3.16 12.64 -33.94
CA GLU A 59 -4.16 12.03 -33.01
C GLU A 59 -4.66 13.07 -31.97
N LEU A 60 -3.81 13.96 -31.49
CA LEU A 60 -4.20 14.98 -30.48
C LEU A 60 -5.22 15.91 -31.12
N ALA A 61 -5.09 16.15 -32.43
CA ALA A 61 -5.98 17.06 -33.18
C ALA A 61 -7.36 16.43 -33.30
N LEU A 62 -7.53 15.16 -32.94
CA LEU A 62 -8.91 14.59 -32.90
C LEU A 62 -9.81 15.41 -31.97
N CYS A 63 -9.27 16.00 -30.90
CA CYS A 63 -10.05 16.70 -29.86
C CYS A 63 -9.47 18.07 -29.54
N HIS A 64 -8.20 18.38 -29.88
CA HIS A 64 -7.52 19.59 -29.36
C HIS A 64 -7.14 20.50 -30.51
N SER A 65 -7.10 21.80 -30.24
CA SER A 65 -6.78 22.84 -31.22
C SER A 65 -5.28 22.78 -31.54
N SER A 66 -4.87 23.15 -32.73
CA SER A 66 -3.44 23.30 -33.11
C SER A 66 -2.71 24.24 -32.13
N LYS A 67 -3.34 25.35 -31.74
CA LYS A 67 -2.73 26.29 -30.77
C LYS A 67 -2.42 25.60 -29.43
N HIS A 68 -3.39 24.92 -28.81
CA HIS A 68 -3.21 24.20 -27.54
C HIS A 68 -2.09 23.14 -27.67
N ILE A 69 -2.10 22.32 -28.72
CA ILE A 69 -1.02 21.31 -28.95
C ILE A 69 0.34 22.03 -29.01
N SER A 70 0.43 23.12 -29.76
N SER A 70 0.43 23.13 -29.75
CA SER A 70 1.71 23.85 -29.99
CA SER A 70 1.71 23.85 -29.99
C SER A 70 2.23 24.39 -28.64
C SER A 70 2.23 24.45 -28.66
N ILE A 71 1.35 24.94 -27.79
CA ILE A 71 1.78 25.59 -26.52
C ILE A 71 2.30 24.50 -25.57
N ILE A 72 1.53 23.44 -25.34
CA ILE A 72 2.04 22.37 -24.46
C ILE A 72 3.32 21.78 -25.05
N LYS A 73 3.38 21.52 -26.35
CA LYS A 73 4.62 20.98 -26.96
C LYS A 73 5.77 21.96 -26.68
N SER A 74 5.55 23.27 -26.70
CA SER A 74 6.62 24.28 -26.55
C SER A 74 7.29 24.17 -25.16
N SER A 75 6.63 23.52 -24.21
CA SER A 75 7.08 23.41 -22.79
C SER A 75 8.19 22.36 -22.64
N GLU A 76 8.38 21.48 -23.61
CA GLU A 76 9.32 20.36 -23.45
C GLU A 76 10.77 20.88 -23.32
N HIS A 77 11.10 22.06 -23.82
CA HIS A 77 12.52 22.53 -23.70
C HIS A 77 12.59 23.86 -22.95
N MET A 78 11.51 24.25 -22.27
CA MET A 78 11.47 25.55 -21.54
C MET A 78 12.38 25.54 -20.30
N LYS A 79 12.98 26.69 -20.02
CA LYS A 79 13.68 26.98 -18.75
C LYS A 79 12.64 26.98 -17.63
N PRO A 80 13.02 26.62 -16.39
CA PRO A 80 12.11 26.56 -15.24
C PRO A 80 11.25 27.83 -15.05
N ARG A 81 11.83 29.00 -15.25
CA ARG A 81 11.04 30.27 -15.07
C ARG A 81 9.86 30.24 -16.05
N ASP A 82 10.07 29.74 -17.27
CA ASP A 82 9.05 29.75 -18.36
C ASP A 82 8.01 28.65 -18.04
N LEU A 83 8.45 27.50 -17.55
CA LEU A 83 7.54 26.40 -17.13
C LEU A 83 6.60 26.95 -16.07
N ASN A 84 7.15 27.66 -15.09
CA ASN A 84 6.38 28.20 -13.94
C ASN A 84 5.36 29.20 -14.49
N ARG A 85 5.77 30.14 -15.31
CA ARG A 85 4.83 31.14 -15.90
C ARG A 85 3.78 30.42 -16.72
N LEU A 86 4.17 29.41 -17.54
CA LEU A 86 3.18 28.74 -18.42
C LEU A 86 2.14 28.02 -17.56
N GLY A 87 2.56 27.26 -16.55
CA GLY A 87 1.59 26.52 -15.73
C GLY A 87 0.56 27.46 -15.12
N ASP A 88 1.03 28.63 -14.71
CA ASP A 88 0.23 29.69 -14.03
C ASP A 88 -0.79 30.29 -15.02
N GLU A 89 -0.70 30.03 -16.32
CA GLU A 89 -1.76 30.47 -17.29
C GLU A 89 -3.01 29.61 -17.12
N TYR A 90 -2.94 28.48 -16.41
CA TYR A 90 -4.05 27.48 -16.35
C TYR A 90 -4.55 27.42 -14.94
N ASN A 91 -5.76 26.87 -14.76
CA ASN A 91 -6.31 26.49 -13.44
C ASN A 91 -5.66 25.14 -13.03
N SER A 92 -4.84 25.12 -11.98
CA SER A 92 -4.34 23.92 -11.28
C SER A 92 -3.50 23.08 -12.23
N ILE A 93 -2.47 23.67 -12.85
CA ILE A 93 -1.48 22.94 -13.66
C ILE A 93 -0.08 23.22 -13.13
N PHE A 94 0.72 22.18 -13.05
CA PHE A 94 2.21 22.29 -13.02
C PHE A 94 2.79 21.59 -14.24
N ILE A 95 3.97 22.06 -14.67
CA ILE A 95 4.58 21.58 -15.93
C ILE A 95 6.07 21.43 -15.69
N SER A 96 6.60 20.28 -16.09
CA SER A 96 8.06 20.03 -16.20
C SER A 96 8.40 19.77 -17.67
N ASN A 97 9.69 19.70 -18.02
CA ASN A 97 10.12 19.45 -19.41
C ASN A 97 9.61 18.09 -19.91
N GLU A 98 9.13 17.20 -19.04
CA GLU A 98 8.72 15.81 -19.40
C GLU A 98 7.20 15.72 -19.52
N SER A 99 6.46 16.75 -19.09
CA SER A 99 4.97 16.73 -19.02
C SER A 99 4.37 16.41 -20.39
N TYR A 100 4.81 17.08 -21.43
CA TYR A 100 4.27 16.91 -22.82
C TYR A 100 4.44 15.44 -23.23
N THR A 101 5.66 14.91 -23.12
CA THR A 101 5.93 13.49 -23.49
C THR A 101 5.02 12.58 -22.68
N CYS A 102 4.87 12.85 -21.38
CA CYS A 102 4.10 11.95 -20.48
C CYS A 102 2.63 12.00 -20.90
N ALA A 103 2.11 13.17 -21.23
CA ALA A 103 0.70 13.32 -21.69
C ALA A 103 0.55 12.53 -23.00
N LEU A 104 1.54 12.57 -23.88
CA LEU A 104 1.54 11.79 -25.15
C LEU A 104 1.55 10.30 -24.84
N LEU A 105 2.32 9.88 -23.84
CA LEU A 105 2.42 8.43 -23.56
C LEU A 105 1.09 7.97 -22.96
N ALA A 106 0.49 8.79 -22.10
CA ALA A 106 -0.81 8.37 -21.49
C ALA A 106 -1.84 8.12 -22.61
N ALA A 107 -1.98 9.07 -23.54
CA ALA A 107 -2.93 8.97 -24.65
C ALA A 107 -2.58 7.79 -25.57
N GLY A 108 -1.36 7.69 -26.04
CA GLY A 108 -0.95 6.56 -26.89
C GLY A 108 -1.09 5.20 -26.23
N SER A 109 -0.89 5.12 -24.90
CA SER A 109 -1.05 3.85 -24.17
C SER A 109 -2.51 3.43 -24.29
N CYS A 110 -3.39 4.41 -24.21
CA CYS A 110 -4.87 4.08 -24.18
C CYS A 110 -5.30 3.74 -25.62
N PHE A 111 -4.78 4.41 -26.62
CA PHE A 111 -5.04 4.08 -28.07
C PHE A 111 -4.60 2.63 -28.34
N ASN A 112 -3.38 2.23 -27.89
CA ASN A 112 -2.89 0.83 -28.02
C ASN A 112 -3.87 -0.11 -27.30
N SER A 113 -4.43 0.31 -26.17
CA SER A 113 -5.35 -0.55 -25.41
C SER A 113 -6.69 -0.67 -26.14
N ALA A 114 -7.23 0.45 -26.65
CA ALA A 114 -8.53 0.42 -27.38
C ALA A 114 -8.35 -0.45 -28.63
N GLN A 115 -7.21 -0.30 -29.33
CA GLN A 115 -6.91 -1.13 -30.52
C GLN A 115 -6.91 -2.62 -30.16
N ALA A 116 -6.28 -3.00 -29.04
CA ALA A 116 -6.12 -4.42 -28.64
C ALA A 116 -7.54 -4.98 -28.40
N ILE A 117 -8.42 -4.16 -27.86
CA ILE A 117 -9.82 -4.61 -27.56
C ILE A 117 -10.55 -4.76 -28.90
N LEU A 118 -10.48 -3.75 -29.72
CA LEU A 118 -11.34 -3.69 -30.93
C LEU A 118 -10.84 -4.69 -31.99
N THR A 119 -9.54 -5.01 -31.99
CA THR A 119 -8.99 -6.06 -32.90
C THR A 119 -9.24 -7.46 -32.32
N GLY A 120 -9.76 -7.57 -31.09
CA GLY A 120 -10.01 -8.86 -30.43
C GLY A 120 -8.78 -9.57 -29.86
N GLN A 121 -7.64 -8.88 -29.77
CA GLN A 121 -6.42 -9.37 -29.07
C GLN A 121 -6.73 -9.51 -27.56
N VAL A 122 -7.53 -8.61 -27.00
CA VAL A 122 -8.04 -8.77 -25.60
C VAL A 122 -9.52 -8.48 -25.57
N ARG A 123 -10.19 -8.91 -24.52
CA ARG A 123 -11.62 -8.58 -24.29
C ARG A 123 -11.77 -7.19 -23.62
N ASN A 124 -10.88 -6.87 -22.68
CA ASN A 124 -10.97 -5.68 -21.80
C ASN A 124 -9.54 -5.33 -21.42
N ALA A 125 -9.33 -4.18 -20.76
CA ALA A 125 -7.98 -3.66 -20.53
C ALA A 125 -8.01 -2.59 -19.42
N VAL A 126 -6.84 -2.39 -18.82
CA VAL A 126 -6.57 -1.37 -17.79
C VAL A 126 -5.35 -0.58 -18.24
N ALA A 127 -5.40 0.72 -18.04
CA ALA A 127 -4.31 1.65 -18.41
C ALA A 127 -3.92 2.45 -17.16
N ILE A 128 -2.74 2.16 -16.63
CA ILE A 128 -2.15 2.82 -15.44
C ILE A 128 -1.27 3.95 -15.92
N VAL A 129 -1.88 5.11 -16.11
CA VAL A 129 -1.36 6.29 -16.86
C VAL A 129 -1.47 7.55 -16.01
N ARG A 130 -0.54 8.50 -16.25
CA ARG A 130 -0.57 9.86 -15.76
C ARG A 130 0.27 10.69 -16.73
N PRO A 131 0.06 12.03 -16.83
CA PRO A 131 -0.97 12.75 -16.09
C PRO A 131 -2.38 12.37 -16.54
N PRO A 132 -3.40 12.74 -15.74
CA PRO A 132 -4.77 12.41 -16.10
C PRO A 132 -5.27 13.36 -17.20
N GLY A 133 -6.51 13.14 -17.60
CA GLY A 133 -7.00 13.78 -18.85
C GLY A 133 -8.33 14.53 -18.74
N HIS A 134 -9.25 14.11 -17.87
CA HIS A 134 -10.67 14.47 -18.08
C HIS A 134 -10.97 15.99 -17.94
N HIS A 135 -10.09 16.79 -17.34
CA HIS A 135 -10.33 18.26 -17.19
C HIS A 135 -9.82 18.99 -18.42
N ALA A 136 -9.12 18.30 -19.33
CA ALA A 136 -8.43 18.95 -20.47
C ALA A 136 -9.52 19.31 -21.49
N GLU A 137 -9.53 20.57 -21.93
CA GLU A 137 -10.49 21.07 -22.94
C GLU A 137 -9.88 21.02 -24.34
N LYS A 138 -10.71 21.26 -25.37
CA LYS A 138 -10.18 21.34 -26.74
C LYS A 138 -9.00 22.32 -26.74
N ASP A 139 -9.13 23.45 -26.04
CA ASP A 139 -8.22 24.62 -26.27
C ASP A 139 -7.37 24.94 -25.02
N THR A 140 -7.42 24.14 -23.97
CA THR A 140 -6.69 24.48 -22.73
C THR A 140 -6.46 23.26 -21.83
N ALA A 141 -5.42 23.39 -21.02
CA ALA A 141 -5.07 22.47 -19.93
C ALA A 141 -5.83 22.91 -18.68
N CYS A 142 -6.04 21.98 -17.77
CA CYS A 142 -6.81 22.27 -16.54
C CYS A 142 -6.70 21.08 -15.58
N GLY A 143 -6.64 21.35 -14.30
CA GLY A 143 -6.83 20.35 -13.23
C GLY A 143 -5.95 19.13 -13.42
N PHE A 144 -4.63 19.32 -13.61
CA PHE A 144 -3.54 18.32 -13.67
C PHE A 144 -3.54 17.60 -15.02
N CYS A 145 -4.42 18.03 -15.95
CA CYS A 145 -4.70 17.39 -17.26
C CYS A 145 -4.24 18.30 -18.43
N PHE A 146 -3.49 17.75 -19.37
CA PHE A 146 -3.02 18.49 -20.58
C PHE A 146 -3.86 18.11 -21.81
N PHE A 147 -4.01 16.82 -22.11
CA PHE A 147 -4.82 16.33 -23.25
C PHE A 147 -5.88 15.42 -22.67
N ASN A 148 -7.03 15.35 -23.27
CA ASN A 148 -8.14 14.53 -22.71
C ASN A 148 -8.03 13.08 -23.23
N THR A 149 -7.22 12.31 -22.55
CA THR A 149 -6.92 10.90 -22.87
C THR A 149 -8.20 10.13 -23.21
N ALA A 150 -9.19 10.14 -22.36
CA ALA A 150 -10.44 9.39 -22.58
C ALA A 150 -11.14 9.91 -23.83
N ALA A 151 -11.25 11.23 -24.02
CA ALA A 151 -11.97 11.76 -25.21
C ALA A 151 -11.23 11.37 -26.47
N LEU A 152 -9.91 11.62 -26.49
CA LEU A 152 -9.04 11.16 -27.59
C LEU A 152 -9.22 9.66 -27.85
N THR A 153 -9.37 8.82 -26.83
CA THR A 153 -9.42 7.36 -27.03
C THR A 153 -10.73 7.00 -27.77
N ALA A 154 -11.82 7.69 -27.41
CA ALA A 154 -13.13 7.49 -28.03
C ALA A 154 -13.04 7.86 -29.53
N ARG A 155 -12.34 8.95 -29.86
CA ARG A 155 -12.20 9.42 -31.26
C ARG A 155 -11.25 8.48 -31.99
N TYR A 156 -10.20 8.02 -31.30
CA TYR A 156 -9.29 6.97 -31.85
C TYR A 156 -10.05 5.69 -32.21
N ALA A 157 -10.88 5.20 -31.32
CA ALA A 157 -11.70 3.98 -31.53
C ALA A 157 -12.55 4.17 -32.80
N GLN A 158 -13.20 5.32 -32.92
CA GLN A 158 -14.06 5.62 -34.08
C GLN A 158 -13.20 5.66 -35.36
N SER A 159 -11.95 6.12 -35.27
CA SER A 159 -11.09 6.32 -36.44
C SER A 159 -10.67 4.97 -37.04
N ILE A 160 -10.77 3.85 -36.29
CA ILE A 160 -10.40 2.48 -36.75
C ILE A 160 -11.60 1.55 -36.84
N THR A 161 -12.83 2.06 -36.64
CA THR A 161 -14.07 1.26 -36.82
C THR A 161 -15.04 2.03 -37.71
N ARG A 162 -15.82 2.92 -37.10
CA ARG A 162 -16.69 3.84 -37.87
C ARG A 162 -16.85 5.09 -37.05
N GLU A 163 -17.04 6.18 -37.77
CA GLU A 163 -17.16 7.51 -37.15
C GLU A 163 -18.23 7.50 -36.06
N SER A 164 -19.35 6.80 -36.26
CA SER A 164 -20.49 6.78 -35.29
C SER A 164 -20.44 5.61 -34.31
N LEU A 165 -19.30 4.92 -34.19
CA LEU A 165 -19.13 3.86 -33.15
C LEU A 165 -19.64 4.40 -31.81
N ARG A 166 -20.61 3.72 -31.20
CA ARG A 166 -21.20 4.14 -29.92
C ARG A 166 -20.19 3.89 -28.79
N VAL A 167 -19.69 4.98 -28.23
CA VAL A 167 -18.73 4.89 -27.12
C VAL A 167 -19.38 5.47 -25.86
N LEU A 168 -19.47 4.68 -24.81
CA LEU A 168 -19.90 5.15 -23.47
C LEU A 168 -18.65 5.52 -22.72
N ILE A 169 -18.63 6.69 -22.13
CA ILE A 169 -17.58 7.09 -21.16
C ILE A 169 -18.25 7.25 -19.80
N VAL A 170 -17.92 6.36 -18.87
CA VAL A 170 -18.36 6.48 -17.48
C VAL A 170 -17.22 7.10 -16.68
N ASP A 171 -17.50 8.24 -16.06
CA ASP A 171 -16.47 9.05 -15.38
C ASP A 171 -16.77 8.96 -13.90
N TRP A 172 -16.14 8.01 -13.18
CA TRP A 172 -16.41 7.83 -11.74
C TRP A 172 -15.38 8.52 -10.87
N ASP A 173 -14.44 9.28 -11.44
CA ASP A 173 -13.58 10.18 -10.67
C ASP A 173 -14.52 11.11 -9.87
N VAL A 174 -14.10 11.58 -8.70
CA VAL A 174 -14.98 12.35 -7.79
C VAL A 174 -15.26 13.73 -8.39
N HIS A 175 -14.39 14.20 -9.32
CA HIS A 175 -14.53 15.48 -10.05
C HIS A 175 -15.33 15.30 -11.34
N HIS A 176 -16.05 16.34 -11.76
CA HIS A 176 -16.66 16.43 -13.12
C HIS A 176 -15.56 16.41 -14.17
N GLY A 177 -15.67 15.60 -15.23
CA GLY A 177 -14.81 15.76 -16.40
C GLY A 177 -15.34 16.87 -17.30
N ASN A 178 -15.14 18.11 -16.90
CA ASN A 178 -15.58 19.29 -17.72
C ASN A 178 -15.10 19.17 -19.16
N GLY A 179 -13.84 18.71 -19.39
CA GLY A 179 -13.29 18.64 -20.75
C GLY A 179 -14.04 17.63 -21.63
N THR A 180 -14.32 16.47 -21.07
CA THR A 180 -15.02 15.37 -21.75
C THR A 180 -16.45 15.82 -22.10
N GLN A 181 -17.15 16.40 -21.16
CA GLN A 181 -18.53 16.90 -21.40
C GLN A 181 -18.48 17.90 -22.55
N HIS A 182 -17.55 18.85 -22.50
CA HIS A 182 -17.46 19.94 -23.53
C HIS A 182 -17.11 19.36 -24.91
N ILE A 183 -16.15 18.45 -24.96
CA ILE A 183 -15.71 17.80 -26.23
C ILE A 183 -16.91 17.14 -26.90
N PHE A 184 -17.78 16.46 -26.14
CA PHE A 184 -18.85 15.65 -26.76
C PHE A 184 -20.24 16.28 -26.60
N GLU A 185 -20.31 17.54 -26.20
CA GLU A 185 -21.60 18.17 -25.80
C GLU A 185 -22.65 18.08 -26.93
N GLU A 186 -22.22 18.20 -28.18
CA GLU A 186 -23.12 18.17 -29.36
C GLU A 186 -23.05 16.83 -30.09
N ASP A 187 -22.61 15.77 -29.44
CA ASP A 187 -22.29 14.47 -30.07
C ASP A 187 -23.19 13.36 -29.50
N ASP A 188 -23.96 12.68 -30.33
CA ASP A 188 -24.81 11.53 -29.91
C ASP A 188 -24.06 10.17 -30.10
N SER A 189 -22.81 10.14 -30.56
CA SER A 189 -22.02 8.89 -30.75
C SER A 189 -21.30 8.56 -29.44
N VAL A 190 -21.07 9.55 -28.60
CA VAL A 190 -20.34 9.38 -27.32
C VAL A 190 -21.26 9.83 -26.22
N LEU A 191 -21.73 8.85 -25.44
CA LEU A 191 -22.58 9.08 -24.25
C LEU A 191 -21.62 9.33 -23.09
N TYR A 192 -21.69 10.53 -22.51
CA TYR A 192 -20.85 10.90 -21.33
C TYR A 192 -21.73 10.82 -20.10
N ILE A 193 -21.34 9.91 -19.17
CA ILE A 193 -21.96 9.85 -17.83
C ILE A 193 -20.90 10.08 -16.77
N SER A 194 -21.10 11.14 -15.98
CA SER A 194 -20.22 11.52 -14.84
C SER A 194 -20.96 11.49 -13.51
N LEU A 195 -20.42 10.75 -12.51
CA LEU A 195 -20.75 10.91 -11.08
C LEU A 195 -19.68 11.80 -10.49
N HIS A 196 -20.06 12.83 -9.74
CA HIS A 196 -19.08 13.77 -9.18
C HIS A 196 -19.67 14.54 -8.02
N ARG A 197 -18.81 14.82 -7.06
CA ARG A 197 -19.14 15.76 -6.00
C ARG A 197 -19.27 17.13 -6.67
N TYR A 198 -20.27 17.89 -6.24
CA TYR A 198 -20.63 19.18 -6.84
C TYR A 198 -20.71 20.28 -5.75
N GLU A 199 -21.52 20.02 -4.74
CA GLU A 199 -21.74 20.93 -3.58
C GLU A 199 -22.19 22.28 -4.12
N ASP A 200 -23.17 22.30 -5.03
CA ASP A 200 -23.77 23.52 -5.62
C ASP A 200 -22.66 24.43 -6.14
N GLY A 201 -21.59 23.84 -6.64
CA GLY A 201 -20.48 24.57 -7.30
C GLY A 201 -19.34 24.88 -6.37
N ALA A 202 -19.32 24.43 -5.12
CA ALA A 202 -18.17 24.71 -4.23
C ALA A 202 -17.04 23.68 -4.48
N PHE A 203 -17.33 22.57 -5.16
CA PHE A 203 -16.35 21.50 -5.44
C PHE A 203 -15.71 21.71 -6.82
N PHE A 204 -14.39 21.58 -6.87
CA PHE A 204 -13.63 21.71 -8.12
C PHE A 204 -14.23 20.83 -9.22
N PRO A 205 -14.40 21.31 -10.47
CA PRO A 205 -13.92 22.61 -10.93
C PRO A 205 -14.89 23.82 -10.87
N ASN A 206 -15.86 23.76 -9.97
CA ASN A 206 -16.53 24.98 -9.44
C ASN A 206 -17.40 25.63 -10.53
N SER A 207 -17.94 24.86 -11.46
CA SER A 207 -18.81 25.38 -12.56
C SER A 207 -20.19 24.69 -12.50
N GLU A 208 -21.22 25.47 -12.80
CA GLU A 208 -22.61 24.98 -12.98
C GLU A 208 -22.66 24.03 -14.19
N ASP A 209 -21.62 23.98 -15.02
CA ASP A 209 -21.57 23.00 -16.14
C ASP A 209 -21.73 21.56 -15.61
N ALA A 210 -21.46 21.29 -14.31
CA ALA A 210 -21.46 19.92 -13.76
C ALA A 210 -22.87 19.56 -13.26
N ASN A 211 -23.83 20.45 -13.39
CA ASN A 211 -25.14 20.18 -12.71
C ASN A 211 -26.00 19.27 -13.57
N TYR A 212 -27.02 18.64 -12.96
CA TYR A 212 -27.86 17.58 -13.57
C TYR A 212 -28.66 18.10 -14.76
N ASP A 213 -28.85 19.42 -14.91
CA ASP A 213 -29.64 20.00 -16.04
C ASP A 213 -28.81 20.19 -17.32
N LYS A 214 -27.50 19.92 -17.32
CA LYS A 214 -26.66 19.96 -18.54
C LYS A 214 -26.80 18.60 -19.24
N VAL A 215 -27.77 18.48 -20.16
CA VAL A 215 -28.19 17.18 -20.77
C VAL A 215 -27.57 16.97 -22.16
N GLY A 216 -26.81 17.93 -22.69
CA GLY A 216 -26.30 17.88 -24.06
C GLY A 216 -26.94 18.97 -24.92
N LEU A 217 -26.33 19.24 -26.07
CA LEU A 217 -26.76 20.36 -26.97
C LEU A 217 -27.10 19.78 -28.34
N GLY A 218 -28.08 20.37 -29.04
CA GLY A 218 -28.50 19.90 -30.36
C GLY A 218 -28.68 18.39 -30.44
N LYS A 219 -28.07 17.73 -31.43
CA LYS A 219 -28.23 16.28 -31.61
C LYS A 219 -27.69 15.56 -30.38
N GLY A 220 -26.84 16.22 -29.58
CA GLY A 220 -26.30 15.68 -28.32
C GLY A 220 -27.27 15.67 -27.15
N ARG A 221 -28.46 16.25 -27.29
CA ARG A 221 -29.45 16.32 -26.18
C ARG A 221 -29.76 14.89 -25.74
N GLY A 222 -29.57 14.61 -24.47
CA GLY A 222 -29.75 13.27 -23.87
C GLY A 222 -28.44 12.50 -23.71
N TYR A 223 -27.34 12.91 -24.33
CA TYR A 223 -26.08 12.11 -24.35
C TYR A 223 -25.03 12.71 -23.41
N ASN A 224 -25.46 13.57 -22.47
CA ASN A 224 -24.61 14.07 -21.37
C ASN A 224 -25.39 13.93 -20.07
N VAL A 225 -24.91 13.02 -19.21
CA VAL A 225 -25.57 12.66 -17.94
C VAL A 225 -24.65 13.05 -16.78
N ASN A 226 -24.99 14.12 -16.09
CA ASN A 226 -24.31 14.58 -14.84
C ASN A 226 -25.10 14.13 -13.62
N ILE A 227 -24.44 13.39 -12.74
CA ILE A 227 -24.98 12.90 -11.46
C ILE A 227 -24.16 13.60 -10.38
N PRO A 228 -24.62 14.80 -9.94
CA PRO A 228 -23.95 15.62 -8.92
C PRO A 228 -24.37 15.30 -7.48
N TRP A 229 -23.35 15.10 -6.64
CA TRP A 229 -23.49 14.90 -5.19
C TRP A 229 -23.36 16.20 -4.42
N ASN A 230 -24.31 16.40 -3.55
CA ASN A 230 -24.34 17.52 -2.58
C ASN A 230 -24.55 16.98 -1.17
N GLY A 231 -23.92 17.62 -0.18
CA GLY A 231 -24.30 17.57 1.25
C GLY A 231 -24.36 16.19 1.87
N GLY A 232 -23.22 15.55 2.04
CA GLY A 232 -23.21 14.08 2.01
C GLY A 232 -21.87 13.43 1.64
N LYS A 233 -21.39 12.56 2.55
CA LYS A 233 -20.18 11.73 2.41
C LYS A 233 -20.59 10.46 1.67
N MET A 234 -20.45 10.47 0.36
CA MET A 234 -21.15 9.45 -0.43
C MET A 234 -20.25 8.24 -0.49
N GLY A 235 -20.88 7.06 -0.58
CA GLY A 235 -20.13 5.79 -0.66
C GLY A 235 -20.82 4.75 -1.48
N ASP A 236 -20.55 3.49 -1.18
CA ASP A 236 -21.03 2.36 -2.01
C ASP A 236 -22.55 2.47 -2.21
N PRO A 237 -23.37 2.78 -1.18
CA PRO A 237 -24.83 2.71 -1.37
C PRO A 237 -25.32 3.72 -2.43
N GLU A 238 -24.71 4.90 -2.45
CA GLU A 238 -25.16 6.00 -3.35
C GLU A 238 -24.65 5.68 -4.79
N TYR A 239 -23.40 5.22 -4.92
CA TYR A 239 -22.85 4.82 -6.24
C TYR A 239 -23.64 3.62 -6.77
N MET A 240 -23.94 2.62 -5.95
CA MET A 240 -24.75 1.49 -6.44
C MET A 240 -26.12 1.97 -6.91
N ALA A 241 -26.77 2.85 -6.16
CA ALA A 241 -28.11 3.39 -6.49
C ALA A 241 -28.03 4.20 -7.79
N ALA A 242 -26.97 4.97 -7.98
CA ALA A 242 -26.79 5.74 -9.21
C ALA A 242 -26.68 4.77 -10.38
N PHE A 243 -25.95 3.65 -10.21
CA PHE A 243 -25.80 2.65 -11.30
C PHE A 243 -27.17 2.00 -11.59
N HIS A 244 -27.87 1.59 -10.56
CA HIS A 244 -29.16 0.85 -10.72
C HIS A 244 -30.19 1.73 -11.46
N HIS A 245 -30.34 2.97 -11.04
CA HIS A 245 -31.47 3.85 -11.47
C HIS A 245 -31.11 4.64 -12.72
N LEU A 246 -29.83 4.94 -12.94
CA LEU A 246 -29.45 5.90 -14.02
C LEU A 246 -28.42 5.25 -14.97
N VAL A 247 -27.24 4.96 -14.47
CA VAL A 247 -26.12 4.62 -15.39
C VAL A 247 -26.51 3.38 -16.19
N MET A 248 -27.00 2.32 -15.53
CA MET A 248 -27.11 1.03 -16.25
C MET A 248 -28.33 1.07 -17.18
N PRO A 249 -29.51 1.60 -16.76
CA PRO A 249 -30.64 1.71 -17.70
C PRO A 249 -30.31 2.57 -18.94
N ILE A 250 -29.65 3.69 -18.74
CA ILE A 250 -29.32 4.57 -19.89
C ILE A 250 -28.31 3.83 -20.79
N ALA A 251 -27.25 3.27 -20.19
CA ALA A 251 -26.15 2.58 -20.92
C ALA A 251 -26.73 1.42 -21.73
N ARG A 252 -27.63 0.60 -21.17
CA ARG A 252 -28.20 -0.54 -21.91
C ARG A 252 -29.01 -0.02 -23.10
N GLU A 253 -29.80 1.02 -22.89
CA GLU A 253 -30.59 1.62 -23.99
C GLU A 253 -29.65 2.18 -25.07
N PHE A 254 -28.55 2.83 -24.69
CA PHE A 254 -27.56 3.36 -25.67
C PHE A 254 -26.87 2.22 -26.43
N ALA A 255 -26.64 1.09 -25.77
CA ALA A 255 -26.07 -0.15 -26.38
C ALA A 255 -24.69 0.18 -26.94
N PRO A 256 -23.75 0.55 -26.06
CA PRO A 256 -22.42 0.93 -26.53
C PRO A 256 -21.71 -0.27 -27.17
N GLU A 257 -20.75 0.06 -28.04
CA GLU A 257 -19.86 -0.86 -28.76
C GLU A 257 -18.48 -0.87 -28.08
N LEU A 258 -18.22 0.12 -27.22
CA LEU A 258 -17.00 0.22 -26.44
C LEU A 258 -17.34 1.03 -25.18
N VAL A 259 -16.85 0.59 -24.04
CA VAL A 259 -16.96 1.36 -22.78
C VAL A 259 -15.56 1.82 -22.36
N LEU A 260 -15.45 3.12 -22.10
CA LEU A 260 -14.25 3.73 -21.51
C LEU A 260 -14.63 4.18 -20.10
N VAL A 261 -13.83 3.80 -19.12
CA VAL A 261 -14.00 4.30 -17.73
C VAL A 261 -12.93 5.36 -17.46
N SER A 262 -13.40 6.58 -17.26
CA SER A 262 -12.61 7.66 -16.65
C SER A 262 -12.52 7.34 -15.15
N ALA A 263 -11.60 6.41 -14.82
CA ALA A 263 -11.50 5.74 -13.52
C ALA A 263 -10.55 6.54 -12.62
N GLY A 264 -10.96 7.74 -12.17
CA GLY A 264 -10.37 8.35 -10.96
C GLY A 264 -10.62 7.47 -9.76
N PHE A 265 -9.71 7.40 -8.79
CA PHE A 265 -9.98 6.65 -7.55
C PHE A 265 -9.99 7.65 -6.37
N ASP A 266 -10.42 8.88 -6.65
CA ASP A 266 -10.44 9.95 -5.65
C ASP A 266 -11.77 10.02 -4.91
N ALA A 267 -12.77 9.20 -5.26
CA ALA A 267 -14.00 8.99 -4.45
C ALA A 267 -13.76 7.87 -3.44
N ALA A 268 -12.55 7.34 -3.39
CA ALA A 268 -12.22 6.21 -2.49
C ALA A 268 -12.14 6.65 -1.04
N ARG A 269 -12.61 5.78 -0.13
CA ARG A 269 -12.29 5.87 1.32
C ARG A 269 -10.80 6.22 1.44
N GLY A 270 -10.51 7.26 2.23
CA GLY A 270 -9.15 7.68 2.56
C GLY A 270 -8.57 8.69 1.62
N ASP A 271 -9.24 9.01 0.52
CA ASP A 271 -8.72 10.04 -0.40
C ASP A 271 -8.87 11.38 0.33
N PRO A 272 -7.81 12.19 0.45
CA PRO A 272 -7.87 13.49 1.15
C PRO A 272 -8.46 14.59 0.26
N LEU A 273 -8.53 14.42 -1.06
CA LEU A 273 -9.15 15.47 -1.93
C LEU A 273 -10.64 15.15 -2.16
N GLY A 274 -11.05 13.90 -2.08
CA GLY A 274 -12.41 13.52 -2.48
C GLY A 274 -13.37 13.51 -1.33
N GLY A 275 -12.90 13.08 -0.16
CA GLY A 275 -13.71 13.14 1.07
C GLY A 275 -14.83 12.15 1.04
N PHE A 276 -14.81 11.18 0.11
CA PHE A 276 -15.92 10.18 -0.04
C PHE A 276 -15.43 8.81 0.45
N GLN A 277 -16.27 7.78 0.44
CA GLN A 277 -15.93 6.47 1.07
C GLN A 277 -16.30 5.28 0.17
N VAL A 278 -16.17 5.38 -1.15
CA VAL A 278 -16.29 4.21 -2.06
C VAL A 278 -15.20 3.20 -1.71
N THR A 279 -15.57 1.94 -1.46
CA THR A 279 -14.63 0.86 -1.06
C THR A 279 -14.05 0.16 -2.29
N PRO A 280 -12.96 -0.63 -2.15
CA PRO A 280 -12.41 -1.42 -3.27
C PRO A 280 -13.45 -2.39 -3.83
N GLU A 281 -14.27 -3.00 -2.95
CA GLU A 281 -15.41 -3.83 -3.37
C GLU A 281 -16.46 -3.04 -4.12
N GLY A 282 -16.73 -1.79 -3.74
CA GLY A 282 -17.61 -0.88 -4.48
C GLY A 282 -17.12 -0.72 -5.90
N TYR A 283 -15.84 -0.35 -6.09
CA TYR A 283 -15.27 -0.24 -7.43
C TYR A 283 -15.36 -1.56 -8.19
N ALA A 284 -15.11 -2.70 -7.53
CA ALA A 284 -15.25 -4.01 -8.17
C ALA A 284 -16.69 -4.19 -8.66
N HIS A 285 -17.66 -3.83 -7.85
CA HIS A 285 -19.10 -3.94 -8.23
C HIS A 285 -19.40 -3.04 -9.45
N LEU A 286 -18.93 -1.81 -9.43
CA LEU A 286 -19.19 -0.91 -10.59
C LEU A 286 -18.52 -1.51 -11.86
N THR A 287 -17.29 -2.00 -11.73
CA THR A 287 -16.56 -2.62 -12.86
C THR A 287 -17.37 -3.78 -13.44
N HIS A 288 -17.77 -4.71 -12.58
CA HIS A 288 -18.55 -5.88 -13.01
C HIS A 288 -19.88 -5.47 -13.68
N GLN A 289 -20.56 -4.43 -13.19
CA GLN A 289 -21.77 -3.85 -13.86
C GLN A 289 -21.44 -3.41 -15.28
N LEU A 290 -20.33 -2.70 -15.48
CA LEU A 290 -20.02 -2.17 -16.81
C LEU A 290 -19.62 -3.30 -17.75
N MET A 291 -19.13 -4.41 -17.21
CA MET A 291 -18.65 -5.56 -18.03
C MET A 291 -19.85 -6.23 -18.73
N SER A 292 -21.08 -5.96 -18.25
CA SER A 292 -22.34 -6.48 -18.83
C SER A 292 -22.69 -5.73 -20.14
N LEU A 293 -21.89 -4.72 -20.52
CA LEU A 293 -22.14 -3.82 -21.68
C LEU A 293 -21.10 -4.14 -22.75
N ALA A 294 -21.44 -3.85 -24.02
CA ALA A 294 -20.45 -3.77 -25.12
C ALA A 294 -19.78 -5.13 -25.31
N ALA A 295 -20.51 -6.20 -25.03
CA ALA A 295 -19.98 -7.59 -25.01
C ALA A 295 -18.69 -7.61 -24.20
N GLY A 296 -18.60 -6.79 -23.12
CA GLY A 296 -17.46 -6.86 -22.19
C GLY A 296 -16.30 -6.02 -22.68
N ARG A 297 -16.49 -5.15 -23.65
CA ARG A 297 -15.35 -4.35 -24.20
C ARG A 297 -15.17 -3.11 -23.31
N VAL A 298 -14.39 -3.25 -22.24
CA VAL A 298 -14.25 -2.18 -21.20
C VAL A 298 -12.76 -1.77 -21.08
N LEU A 299 -12.43 -0.49 -21.28
CA LEU A 299 -11.07 0.01 -21.04
C LEU A 299 -11.11 0.94 -19.80
N ILE A 300 -10.39 0.58 -18.76
CA ILE A 300 -10.33 1.33 -17.47
C ILE A 300 -9.12 2.24 -17.51
N ILE A 301 -9.33 3.56 -17.55
CA ILE A 301 -8.25 4.56 -17.68
C ILE A 301 -8.10 5.27 -16.32
N LEU A 302 -6.91 5.22 -15.74
CA LEU A 302 -6.66 6.01 -14.51
C LEU A 302 -6.86 7.50 -14.79
N GLU A 303 -7.59 8.18 -13.89
CA GLU A 303 -7.69 9.66 -13.84
C GLU A 303 -7.02 10.12 -12.53
N GLY A 304 -7.78 10.68 -11.59
CA GLY A 304 -7.29 11.08 -10.26
C GLY A 304 -7.30 9.94 -9.25
N GLY A 305 -7.18 10.26 -7.96
CA GLY A 305 -6.87 9.27 -6.91
C GLY A 305 -5.54 9.57 -6.28
N TYR A 306 -5.53 9.97 -4.99
CA TYR A 306 -4.36 10.59 -4.34
C TYR A 306 -3.92 9.86 -3.07
N ASN A 307 -4.76 8.96 -2.50
CA ASN A 307 -4.30 8.07 -1.41
C ASN A 307 -3.59 6.89 -2.09
N LEU A 308 -2.25 6.85 -2.01
CA LEU A 308 -1.48 5.83 -2.78
C LEU A 308 -1.95 4.42 -2.45
N THR A 309 -2.15 4.09 -1.19
CA THR A 309 -2.65 2.74 -0.77
C THR A 309 -4.08 2.53 -1.31
N SER A 310 -4.96 3.52 -1.21
CA SER A 310 -6.39 3.35 -1.63
C SER A 310 -6.47 3.15 -3.15
N ILE A 311 -5.69 3.89 -3.95
CA ILE A 311 -5.82 3.80 -5.43
C ILE A 311 -5.21 2.48 -5.91
N SER A 312 -4.17 2.02 -5.24
CA SER A 312 -3.50 0.73 -5.55
C SER A 312 -4.47 -0.45 -5.38
N GLU A 313 -5.11 -0.50 -4.24
CA GLU A 313 -6.08 -1.56 -3.89
C GLU A 313 -7.32 -1.45 -4.80
N SER A 314 -7.87 -0.25 -5.00
CA SER A 314 -9.13 0.01 -5.74
C SER A 314 -8.97 -0.32 -7.22
N MET A 315 -7.87 0.11 -7.86
CA MET A 315 -7.68 -0.23 -9.27
C MET A 315 -7.36 -1.71 -9.46
N SER A 316 -6.65 -2.34 -8.52
CA SER A 316 -6.33 -3.78 -8.55
C SER A 316 -7.62 -4.59 -8.49
N MET A 317 -8.59 -4.13 -7.74
CA MET A 317 -9.88 -4.87 -7.63
C MET A 317 -10.66 -4.68 -8.92
N CYS A 318 -10.45 -3.59 -9.66
CA CYS A 318 -11.13 -3.45 -10.97
C CYS A 318 -10.48 -4.45 -11.95
N THR A 319 -9.17 -4.52 -12.04
CA THR A 319 -8.48 -5.46 -12.93
C THR A 319 -8.94 -6.89 -12.58
N SER A 320 -9.03 -7.19 -11.30
CA SER A 320 -9.49 -8.50 -10.79
C SER A 320 -10.87 -8.83 -11.39
N MET A 321 -11.76 -7.86 -11.47
CA MET A 321 -13.11 -8.12 -12.03
C MET A 321 -13.00 -8.38 -13.55
N LEU A 322 -12.13 -7.62 -14.24
CA LEU A 322 -11.97 -7.72 -15.69
C LEU A 322 -11.45 -9.10 -16.04
N LEU A 323 -10.64 -9.67 -15.17
CA LEU A 323 -10.04 -11.01 -15.32
C LEU A 323 -11.09 -12.10 -15.05
N GLY A 324 -12.29 -11.74 -14.60
CA GLY A 324 -13.38 -12.72 -14.40
C GLY A 324 -13.47 -13.26 -13.00
N ASP A 325 -12.76 -12.67 -12.04
CA ASP A 325 -12.85 -13.05 -10.60
C ASP A 325 -14.27 -12.76 -10.07
N SER A 326 -14.68 -13.51 -9.05
CA SER A 326 -16.04 -13.47 -8.45
C SER A 326 -16.32 -12.07 -7.96
N PRO A 327 -17.39 -11.42 -8.42
CA PRO A 327 -17.76 -10.08 -7.95
C PRO A 327 -18.36 -10.08 -6.56
N PRO A 328 -18.29 -8.93 -5.84
CA PRO A 328 -18.72 -8.84 -4.46
C PRO A 328 -20.25 -8.75 -4.46
N SER A 329 -20.88 -9.14 -3.36
CA SER A 329 -22.35 -9.02 -3.11
C SER A 329 -22.52 -7.92 -2.06
N LEU A 330 -22.92 -6.71 -2.47
CA LEU A 330 -22.96 -5.53 -1.57
C LEU A 330 -24.40 -5.25 -1.11
N ASP A 331 -24.56 -4.36 -0.14
CA ASP A 331 -25.87 -4.11 0.52
C ASP A 331 -26.63 -3.04 -0.27
N HIS A 332 -27.59 -3.45 -1.09
CA HIS A 332 -28.46 -2.59 -1.92
C HIS A 332 -29.62 -2.06 -1.07
N LEU A 333 -29.72 -2.45 0.20
CA LEU A 333 -30.87 -2.03 1.04
C LEU A 333 -30.44 -0.96 2.01
N THR A 334 -29.14 -0.67 2.12
CA THR A 334 -28.64 0.42 3.00
C THR A 334 -29.32 1.69 2.52
N PRO A 335 -30.04 2.43 3.37
CA PRO A 335 -30.64 3.69 2.95
C PRO A 335 -29.54 4.65 2.49
N LEU A 336 -29.89 5.48 1.51
CA LEU A 336 -28.97 6.49 0.96
C LEU A 336 -29.00 7.72 1.87
N LYS A 337 -27.94 8.52 1.78
CA LYS A 337 -27.95 9.90 2.26
C LYS A 337 -29.10 10.64 1.59
N THR A 338 -29.89 11.41 2.34
CA THR A 338 -31.13 12.05 1.81
C THR A 338 -30.84 12.88 0.56
N SER A 339 -29.72 13.60 0.57
CA SER A 339 -29.36 14.44 -0.57
C SER A 339 -29.04 13.58 -1.79
N ALA A 340 -28.59 12.34 -1.63
CA ALA A 340 -28.24 11.51 -2.81
C ALA A 340 -29.55 11.11 -3.50
N THR A 341 -30.59 10.76 -2.74
CA THR A 341 -31.93 10.49 -3.32
C THR A 341 -32.38 11.69 -4.16
N VAL A 342 -32.23 12.89 -3.62
CA VAL A 342 -32.59 14.15 -4.32
C VAL A 342 -31.80 14.23 -5.64
N SER A 343 -30.46 14.11 -5.59
CA SER A 343 -29.61 14.12 -6.82
C SER A 343 -30.12 13.11 -7.87
N ILE A 344 -30.34 11.86 -7.49
CA ILE A 344 -30.78 10.79 -8.43
C ILE A 344 -32.14 11.19 -9.04
N ASN A 345 -33.06 11.74 -8.24
CA ASN A 345 -34.41 12.12 -8.74
C ASN A 345 -34.26 13.34 -9.67
N ASN A 346 -33.33 14.25 -9.38
CA ASN A 346 -33.09 15.42 -10.26
C ASN A 346 -32.59 14.89 -11.62
N VAL A 347 -31.63 13.95 -11.61
CA VAL A 347 -31.11 13.40 -12.89
C VAL A 347 -32.19 12.63 -13.66
N LEU A 348 -32.98 11.81 -12.97
CA LEU A 348 -34.08 11.09 -13.62
C LEU A 348 -35.02 12.08 -14.30
N ARG A 349 -35.38 13.16 -13.64
CA ARG A 349 -36.34 14.13 -14.22
C ARG A 349 -35.74 14.75 -15.49
N ALA A 350 -34.44 15.07 -15.44
CA ALA A 350 -33.77 15.76 -16.55
C ALA A 350 -33.68 14.82 -17.77
N HIS A 351 -33.49 13.52 -17.56
CA HIS A 351 -33.15 12.55 -18.64
C HIS A 351 -34.34 11.68 -19.05
N ALA A 352 -35.42 11.63 -18.28
CA ALA A 352 -36.61 10.87 -18.73
C ALA A 352 -37.13 11.35 -20.09
N PRO A 353 -37.02 12.63 -20.54
CA PRO A 353 -37.42 12.98 -21.91
C PRO A 353 -36.62 12.26 -23.00
N PHE A 354 -35.42 11.79 -22.69
CA PHE A 354 -34.46 11.26 -23.67
C PHE A 354 -34.31 9.73 -23.61
N TRP A 355 -34.74 9.04 -22.56
CA TRP A 355 -34.44 7.61 -22.34
C TRP A 355 -35.71 6.89 -21.93
N SER A 356 -36.23 6.04 -22.83
CA SER A 356 -37.52 5.33 -22.61
C SER A 356 -37.36 4.41 -21.41
N SER A 357 -36.13 3.97 -21.13
CA SER A 357 -35.76 3.11 -19.98
C SER A 357 -36.01 3.83 -18.65
N LEU A 358 -36.12 5.16 -18.67
CA LEU A 358 -36.39 5.91 -17.43
C LEU A 358 -37.89 6.24 -17.32
N ARG A 359 -38.71 5.91 -18.34
CA ARG A 359 -40.16 6.24 -18.38
C ARG A 359 -40.99 4.97 -18.12
N PRO B 3 0.30 11.84 24.24
CA PRO B 3 0.11 10.48 23.69
C PRO B 3 0.55 9.27 24.57
N ILE B 4 -0.25 8.21 24.55
CA ILE B 4 0.11 6.95 25.25
C ILE B 4 1.16 6.20 24.40
N THR B 5 1.22 6.40 23.08
CA THR B 5 2.08 5.55 22.19
C THR B 5 3.20 6.42 21.59
N GLY B 6 4.44 6.01 21.74
CA GLY B 6 5.59 6.61 21.05
C GLY B 6 5.80 5.97 19.67
N LEU B 7 6.43 6.72 18.77
CA LEU B 7 6.81 6.22 17.43
C LEU B 7 8.17 6.85 17.12
N VAL B 8 9.05 6.07 16.58
CA VAL B 8 10.36 6.54 16.05
C VAL B 8 10.47 6.04 14.63
N TYR B 9 10.87 6.95 13.75
CA TYR B 9 11.10 6.76 12.31
C TYR B 9 12.09 7.87 11.91
N ASP B 10 13.11 7.49 11.19
CA ASP B 10 14.11 8.47 10.67
C ASP B 10 14.50 8.01 9.28
N GLN B 11 14.27 8.86 8.30
CA GLN B 11 14.55 8.50 6.89
C GLN B 11 16.06 8.29 6.69
N ARG B 12 16.91 8.64 7.65
CA ARG B 12 18.37 8.44 7.47
C ARG B 12 18.63 6.95 7.38
N MET B 13 17.73 6.12 7.94
CA MET B 13 17.99 4.66 7.94
C MET B 13 17.68 4.07 6.54
N MET B 14 17.20 4.88 5.59
CA MET B 14 17.05 4.44 4.17
C MET B 14 18.41 4.46 3.45
N LEU B 15 19.45 4.99 4.04
CA LEU B 15 20.72 5.17 3.30
C LEU B 15 21.48 3.84 3.16
N HIS B 16 21.12 2.83 3.97
CA HIS B 16 21.68 1.48 3.87
C HIS B 16 21.15 0.85 2.58
N HIS B 17 22.03 0.38 1.70
CA HIS B 17 21.63 -0.19 0.38
C HIS B 17 22.58 -1.27 -0.12
N ASN B 18 22.11 -2.00 -1.13
CA ASN B 18 22.76 -3.13 -1.81
C ASN B 18 23.17 -2.67 -3.20
N MET B 19 24.44 -2.30 -3.37
CA MET B 19 24.92 -1.70 -4.65
C MET B 19 25.12 -2.78 -5.73
N TRP B 20 24.98 -4.07 -5.43
CA TRP B 20 25.22 -5.24 -6.35
C TRP B 20 23.92 -5.94 -6.75
N ASP B 21 22.88 -5.88 -5.93
CA ASP B 21 21.62 -6.61 -6.21
C ASP B 21 20.49 -5.60 -6.13
N SER B 22 20.02 -5.16 -7.31
CA SER B 22 18.85 -4.27 -7.50
C SER B 22 17.61 -4.93 -6.91
N HIS B 23 17.53 -6.27 -6.93
CA HIS B 23 16.30 -6.99 -6.50
C HIS B 23 16.38 -7.36 -5.02
N HIS B 24 17.30 -6.80 -4.22
CA HIS B 24 17.42 -7.28 -2.82
C HIS B 24 16.20 -6.83 -2.04
N PRO B 25 15.45 -7.76 -1.40
CA PRO B 25 14.19 -7.37 -0.77
C PRO B 25 14.30 -6.52 0.51
N GLU B 26 15.47 -6.43 1.15
CA GLU B 26 15.68 -5.58 2.36
C GLU B 26 15.95 -4.16 1.88
N LEU B 27 14.90 -3.51 1.44
CA LEU B 27 14.87 -2.26 0.63
C LEU B 27 14.74 -1.04 1.53
N PRO B 28 15.40 0.09 1.22
CA PRO B 28 15.17 1.34 1.93
C PRO B 28 13.66 1.66 2.15
N GLN B 29 12.84 1.38 1.16
CA GLN B 29 11.43 1.79 1.10
C GLN B 29 10.58 0.96 2.05
N ARG B 30 11.13 -0.12 2.65
CA ARG B 30 10.37 -0.83 3.69
C ARG B 30 9.90 0.19 4.74
N ILE B 31 10.81 0.99 5.27
CA ILE B 31 10.50 1.88 6.41
C ILE B 31 9.68 3.07 5.91
N SER B 32 9.96 3.63 4.74
CA SER B 32 9.22 4.83 4.27
C SER B 32 7.78 4.46 3.91
N ARG B 33 7.54 3.28 3.34
CA ARG B 33 6.18 2.73 3.13
C ARG B 33 5.43 2.52 4.46
N ILE B 34 6.04 1.92 5.50
CA ILE B 34 5.29 1.73 6.77
C ILE B 34 4.92 3.13 7.31
N PHE B 35 5.86 4.10 7.30
CA PHE B 35 5.68 5.48 7.81
C PHE B 35 4.55 6.16 7.03
N SER B 36 4.52 6.03 5.70
N SER B 36 4.57 6.03 5.70
CA SER B 36 3.46 6.66 4.86
CA SER B 36 3.51 6.57 4.82
C SER B 36 2.09 6.05 5.20
C SER B 36 2.15 6.06 5.31
N ARG B 37 2.02 4.75 5.52
CA ARG B 37 0.71 4.13 5.87
C ARG B 37 0.24 4.71 7.21
N HIS B 38 1.17 4.97 8.16
CA HIS B 38 0.81 5.59 9.44
C HIS B 38 0.19 6.96 9.17
N GLU B 39 0.75 7.73 8.24
CA GLU B 39 0.18 9.06 7.86
C GLU B 39 -1.20 8.86 7.25
N GLU B 40 -1.36 7.92 6.31
CA GLU B 40 -2.64 7.73 5.57
C GLU B 40 -3.75 7.33 6.54
N LEU B 41 -3.41 6.53 7.55
CA LEU B 41 -4.40 6.06 8.55
C LEU B 41 -4.53 7.06 9.71
N ARG B 42 -3.81 8.17 9.70
CA ARG B 42 -3.89 9.26 10.73
CA ARG B 42 -3.89 9.26 10.72
C ARG B 42 -3.43 8.72 12.08
N LEU B 43 -2.57 7.69 12.05
CA LEU B 43 -1.96 7.16 13.27
C LEU B 43 -0.74 8.02 13.66
N LEU B 44 0.05 8.59 12.75
CA LEU B 44 1.27 9.30 13.14
C LEU B 44 0.94 10.38 14.18
N SER B 45 -0.05 11.23 13.86
CA SER B 45 -0.41 12.41 14.68
C SER B 45 -0.92 11.99 16.06
N ARG B 46 -1.29 10.71 16.23
CA ARG B 46 -1.82 10.21 17.51
C ARG B 46 -0.67 9.79 18.41
N CYS B 47 0.55 9.73 17.88
CA CYS B 47 1.71 9.15 18.62
C CYS B 47 2.59 10.28 19.11
N HIS B 48 3.32 10.02 20.20
CA HIS B 48 4.44 10.91 20.61
C HIS B 48 5.65 10.54 19.77
N ARG B 49 6.20 11.49 19.02
CA ARG B 49 7.35 11.27 18.14
C ARG B 49 8.63 11.25 18.98
N ILE B 50 9.25 10.09 19.01
CA ILE B 50 10.54 9.86 19.73
C ILE B 50 11.65 10.05 18.71
N PRO B 51 12.68 10.86 18.97
CA PRO B 51 13.80 10.97 18.05
C PRO B 51 14.71 9.74 17.99
N ALA B 52 15.23 9.48 16.80
CA ALA B 52 16.36 8.56 16.59
C ALA B 52 17.62 9.18 17.17
N ARG B 53 18.52 8.34 17.66
CA ARG B 53 19.93 8.69 17.92
C ARG B 53 20.79 7.47 17.57
N LEU B 54 22.09 7.73 17.45
CA LEU B 54 23.12 6.70 17.33
C LEU B 54 23.22 6.00 18.67
N ALA B 55 23.30 4.68 18.59
CA ALA B 55 23.84 3.84 19.68
C ALA B 55 25.30 4.28 19.84
N THR B 56 25.80 4.28 21.07
CA THR B 56 27.25 4.44 21.33
C THR B 56 27.95 3.08 21.18
N GLU B 57 29.27 3.07 20.98
CA GLU B 57 30.08 1.84 20.98
C GLU B 57 29.96 1.13 22.36
N GLU B 58 29.86 1.85 23.48
CA GLU B 58 29.73 1.29 24.84
C GLU B 58 28.38 0.51 24.90
N GLU B 59 27.35 1.09 24.32
CA GLU B 59 26.00 0.46 24.28
C GLU B 59 26.07 -0.81 23.40
N LEU B 60 26.81 -0.78 22.29
CA LEU B 60 26.91 -1.97 21.41
C LEU B 60 27.60 -3.10 22.19
N ALA B 61 28.54 -2.76 23.10
CA ALA B 61 29.30 -3.73 23.91
C ALA B 61 28.39 -4.38 24.96
N LEU B 62 27.15 -3.91 25.14
CA LEU B 62 26.19 -4.68 25.97
C LEU B 62 26.03 -6.08 25.41
N CYS B 63 26.04 -6.28 24.09
CA CYS B 63 25.79 -7.61 23.47
C CYS B 63 26.89 -8.07 22.52
N HIS B 64 27.72 -7.18 22.02
CA HIS B 64 28.66 -7.51 20.92
C HIS B 64 30.13 -7.33 21.36
N SER B 65 30.99 -8.11 20.73
CA SER B 65 32.46 -8.13 20.95
C SER B 65 33.08 -6.88 20.39
N SER B 66 34.19 -6.45 20.97
CA SER B 66 34.96 -5.27 20.48
C SER B 66 35.39 -5.48 19.03
N LYS B 67 35.76 -6.70 18.66
CA LYS B 67 36.26 -7.01 17.29
C LYS B 67 35.10 -6.86 16.28
N HIS B 68 33.93 -7.43 16.58
CA HIS B 68 32.72 -7.28 15.71
C HIS B 68 32.41 -5.79 15.56
N ILE B 69 32.34 -5.03 16.66
CA ILE B 69 32.02 -3.59 16.62
C ILE B 69 33.07 -2.94 15.71
N SER B 70 34.33 -3.32 15.89
CA SER B 70 35.44 -2.64 15.15
C SER B 70 35.32 -2.90 13.64
N ILE B 71 35.03 -4.14 13.26
CA ILE B 71 34.94 -4.56 11.84
C ILE B 71 33.80 -3.77 11.17
N ILE B 72 32.59 -3.81 11.74
CA ILE B 72 31.44 -3.13 11.10
C ILE B 72 31.71 -1.63 11.02
N LYS B 73 32.28 -1.02 12.07
CA LYS B 73 32.58 0.42 12.12
C LYS B 73 33.56 0.77 11.00
N SER B 74 34.50 -0.14 10.74
CA SER B 74 35.56 0.05 9.71
C SER B 74 34.90 0.15 8.30
N SER B 75 33.68 -0.39 8.12
CA SER B 75 33.01 -0.55 6.79
C SER B 75 32.59 0.83 6.26
N GLU B 76 32.48 1.81 7.14
CA GLU B 76 32.02 3.17 6.82
C GLU B 76 32.97 3.85 5.82
N HIS B 77 34.23 3.41 5.74
CA HIS B 77 35.27 4.03 4.85
C HIS B 77 35.84 3.03 3.84
N MET B 78 35.23 1.85 3.71
CA MET B 78 35.67 0.85 2.70
C MET B 78 35.24 1.28 1.29
N LYS B 79 36.12 1.03 0.31
CA LYS B 79 35.75 1.15 -1.11
C LYS B 79 34.88 -0.07 -1.47
N PRO B 80 34.07 0.01 -2.55
CA PRO B 80 33.15 -1.08 -2.90
C PRO B 80 33.77 -2.49 -2.90
N ARG B 81 35.00 -2.63 -3.41
CA ARG B 81 35.76 -3.91 -3.44
C ARG B 81 35.78 -4.55 -2.04
N ASP B 82 36.09 -3.75 -1.04
CA ASP B 82 36.28 -4.21 0.35
C ASP B 82 34.90 -4.43 1.00
N LEU B 83 33.89 -3.61 0.67
CA LEU B 83 32.50 -3.81 1.18
C LEU B 83 31.98 -5.14 0.68
N ASN B 84 32.20 -5.44 -0.60
CA ASN B 84 31.79 -6.72 -1.21
C ASN B 84 32.48 -7.89 -0.47
N ARG B 85 33.80 -7.82 -0.29
CA ARG B 85 34.62 -8.89 0.36
C ARG B 85 34.13 -9.12 1.79
N LEU B 86 34.00 -8.04 2.54
CA LEU B 86 33.57 -8.09 3.96
C LEU B 86 32.15 -8.67 4.07
N GLY B 87 31.19 -8.18 3.27
CA GLY B 87 29.84 -8.79 3.30
C GLY B 87 29.90 -10.30 3.10
N ASP B 88 30.82 -10.77 2.25
CA ASP B 88 30.87 -12.20 1.86
C ASP B 88 31.52 -13.00 2.99
N GLU B 89 32.08 -12.36 4.01
CA GLU B 89 32.57 -13.05 5.23
C GLU B 89 31.38 -13.52 6.07
N TYR B 90 30.18 -12.98 5.79
CA TYR B 90 28.96 -13.32 6.57
C TYR B 90 27.98 -14.13 5.72
N ASN B 91 27.06 -14.83 6.40
CA ASN B 91 25.86 -15.42 5.78
C ASN B 91 24.89 -14.26 5.53
N SER B 92 24.62 -13.94 4.27
CA SER B 92 23.45 -13.13 3.83
C SER B 92 23.56 -11.70 4.36
N ILE B 93 24.65 -11.04 4.01
CA ILE B 93 24.94 -9.63 4.37
C ILE B 93 25.42 -8.87 3.14
N PHE B 94 24.84 -7.70 2.93
CA PHE B 94 25.33 -6.63 2.05
C PHE B 94 25.61 -5.38 2.90
N ILE B 95 26.64 -4.64 2.51
CA ILE B 95 27.13 -3.45 3.24
C ILE B 95 27.36 -2.33 2.22
N SER B 96 26.88 -1.13 2.54
CA SER B 96 27.30 0.15 1.92
C SER B 96 27.98 1.05 2.96
N ASN B 97 28.52 2.22 2.57
CA ASN B 97 29.30 3.07 3.50
C ASN B 97 28.38 3.60 4.61
N GLU B 98 27.04 3.50 4.46
CA GLU B 98 26.08 4.09 5.42
C GLU B 98 25.55 3.02 6.38
N SER B 99 25.88 1.76 6.16
CA SER B 99 25.28 0.62 6.87
C SER B 99 25.52 0.74 8.39
N TYR B 100 26.76 0.99 8.80
CA TYR B 100 27.13 1.08 10.24
C TYR B 100 26.29 2.18 10.90
N THR B 101 26.20 3.38 10.30
CA THR B 101 25.42 4.49 10.86
C THR B 101 23.97 4.04 10.95
N CYS B 102 23.45 3.40 9.91
CA CYS B 102 22.02 2.95 9.90
C CYS B 102 21.78 1.95 11.02
N ALA B 103 22.68 1.03 11.23
CA ALA B 103 22.54 0.05 12.33
C ALA B 103 22.63 0.75 13.69
N LEU B 104 23.53 1.72 13.86
CA LEU B 104 23.56 2.55 15.08
C LEU B 104 22.23 3.25 15.29
N LEU B 105 21.63 3.81 14.22
CA LEU B 105 20.39 4.59 14.38
C LEU B 105 19.26 3.65 14.76
N ALA B 106 19.20 2.47 14.18
CA ALA B 106 18.13 1.51 14.54
C ALA B 106 18.21 1.21 16.07
N ALA B 107 19.40 0.91 16.56
CA ALA B 107 19.63 0.52 17.97
C ALA B 107 19.28 1.71 18.88
N GLY B 108 19.90 2.87 18.65
CA GLY B 108 19.64 4.11 19.42
C GLY B 108 18.17 4.48 19.43
N SER B 109 17.49 4.32 18.29
CA SER B 109 16.04 4.63 18.14
C SER B 109 15.26 3.79 19.16
N CYS B 110 15.63 2.54 19.28
CA CYS B 110 14.92 1.60 20.20
C CYS B 110 15.33 1.87 21.65
N PHE B 111 16.57 2.25 21.95
CA PHE B 111 16.95 2.69 23.33
C PHE B 111 16.13 3.91 23.74
N ASN B 112 15.99 4.91 22.86
CA ASN B 112 15.21 6.14 23.14
C ASN B 112 13.75 5.72 23.36
N SER B 113 13.21 4.73 22.65
CA SER B 113 11.81 4.26 22.84
C SER B 113 11.69 3.52 24.18
N ALA B 114 12.66 2.64 24.47
CA ALA B 114 12.63 1.87 25.75
C ALA B 114 12.68 2.90 26.90
N GLN B 115 13.56 3.89 26.78
CA GLN B 115 13.67 4.95 27.81
C GLN B 115 12.34 5.68 27.96
N ALA B 116 11.67 6.06 26.85
CA ALA B 116 10.44 6.88 26.92
C ALA B 116 9.37 6.03 27.61
N ILE B 117 9.37 4.72 27.38
CA ILE B 117 8.46 3.81 28.13
C ILE B 117 8.85 3.83 29.64
N LEU B 118 10.09 3.54 29.97
CA LEU B 118 10.46 3.20 31.36
C LEU B 118 10.47 4.45 32.27
N THR B 119 10.60 5.66 31.70
CA THR B 119 10.49 6.98 32.42
C THR B 119 9.02 7.44 32.42
N GLY B 120 8.12 6.66 31.79
CA GLY B 120 6.67 6.86 31.82
C GLY B 120 6.20 8.01 30.92
N GLN B 121 7.05 8.50 30.00
CA GLN B 121 6.65 9.52 28.99
C GLN B 121 5.62 8.91 28.03
N VAL B 122 5.74 7.62 27.69
CA VAL B 122 4.70 6.84 26.95
C VAL B 122 4.49 5.52 27.68
N ARG B 123 3.35 4.90 27.43
CA ARG B 123 3.06 3.52 27.88
C ARG B 123 3.74 2.48 26.97
N ASN B 124 3.70 2.70 25.65
CA ASN B 124 4.10 1.67 24.66
C ASN B 124 4.67 2.43 23.46
N ALA B 125 5.28 1.74 22.50
CA ALA B 125 6.03 2.42 21.42
C ALA B 125 6.20 1.48 20.24
N VAL B 126 6.31 2.06 19.04
N VAL B 126 6.45 2.09 19.08
CA VAL B 126 6.68 1.36 17.78
CA VAL B 126 6.71 1.37 17.80
C VAL B 126 7.99 1.99 17.29
C VAL B 126 7.91 2.02 17.11
N ALA B 127 8.81 1.17 16.65
CA ALA B 127 10.13 1.57 16.11
C ALA B 127 10.19 1.07 14.66
N ILE B 128 10.16 2.01 13.72
CA ILE B 128 10.14 1.68 12.28
C ILE B 128 11.60 1.82 11.83
N VAL B 129 12.35 0.74 11.91
CA VAL B 129 13.83 0.81 11.81
C VAL B 129 14.31 -0.23 10.81
N ARG B 130 15.51 -0.03 10.24
CA ARG B 130 16.26 -0.98 9.46
C ARG B 130 17.70 -0.46 9.48
N PRO B 131 18.72 -1.31 9.24
CA PRO B 131 18.54 -2.75 9.02
C PRO B 131 18.02 -3.50 10.26
N PRO B 132 17.53 -4.75 10.06
CA PRO B 132 17.03 -5.57 11.17
C PRO B 132 18.15 -6.06 12.09
N GLY B 133 17.75 -6.75 13.16
CA GLY B 133 18.73 -7.08 14.22
C GLY B 133 18.84 -8.55 14.60
N HIS B 134 17.74 -9.31 14.56
CA HIS B 134 17.64 -10.51 15.39
C HIS B 134 18.60 -11.65 14.99
N HIS B 135 19.17 -11.66 13.76
CA HIS B 135 20.12 -12.76 13.40
C HIS B 135 21.54 -12.39 13.81
N ALA B 136 21.77 -11.14 14.22
CA ALA B 136 23.10 -10.61 14.60
C ALA B 136 23.54 -11.32 15.88
N GLU B 137 24.77 -11.78 15.90
CA GLU B 137 25.34 -12.57 17.03
C GLU B 137 26.28 -11.65 17.80
N LYS B 138 26.74 -12.10 18.95
CA LYS B 138 27.73 -11.34 19.72
C LYS B 138 28.90 -10.97 18.80
N ASP B 139 29.40 -11.91 18.00
CA ASP B 139 30.71 -11.74 17.31
C ASP B 139 30.54 -11.63 15.79
N THR B 140 29.32 -11.73 15.26
CA THR B 140 29.14 -11.79 13.78
C THR B 140 27.82 -11.13 13.34
N ALA B 141 27.87 -10.55 12.15
CA ALA B 141 26.70 -10.14 11.33
C ALA B 141 26.07 -11.35 10.66
N CYS B 142 24.78 -11.29 10.37
CA CYS B 142 24.07 -12.42 9.74
C CYS B 142 22.71 -11.96 9.23
N GLY B 143 22.26 -12.47 8.10
CA GLY B 143 20.85 -12.41 7.69
C GLY B 143 20.31 -10.99 7.68
N PHE B 144 21.08 -10.05 7.13
CA PHE B 144 20.71 -8.64 6.88
C PHE B 144 20.89 -7.82 8.15
N CYS B 145 21.41 -8.45 9.22
CA CYS B 145 21.48 -7.84 10.57
C CYS B 145 22.95 -7.60 10.95
N PHE B 146 23.26 -6.42 11.47
CA PHE B 146 24.62 -6.07 11.94
C PHE B 146 24.72 -6.15 13.47
N PHE B 147 23.80 -5.53 14.20
CA PHE B 147 23.79 -5.47 15.69
C PHE B 147 22.41 -5.97 16.12
N ASN B 148 22.31 -6.72 17.21
CA ASN B 148 21.01 -7.29 17.68
C ASN B 148 20.24 -6.19 18.45
N THR B 149 19.52 -5.37 17.69
CA THR B 149 18.74 -4.22 18.17
C THR B 149 17.88 -4.65 19.35
N ALA B 150 17.09 -5.69 19.19
CA ALA B 150 16.18 -6.09 20.29
C ALA B 150 16.98 -6.57 21.51
N ALA B 151 18.03 -7.35 21.30
CA ALA B 151 18.87 -7.84 22.44
C ALA B 151 19.54 -6.66 23.12
N LEU B 152 20.16 -5.77 22.34
CA LEU B 152 20.73 -4.53 22.89
C LEU B 152 19.65 -3.78 23.67
N THR B 153 18.40 -3.75 23.22
CA THR B 153 17.38 -2.90 23.87
C THR B 153 17.08 -3.50 25.27
N ALA B 154 17.06 -4.82 25.37
CA ALA B 154 16.76 -5.51 26.63
C ALA B 154 17.87 -5.16 27.64
N ARG B 155 19.12 -5.17 27.18
CA ARG B 155 20.27 -4.79 28.03
C ARG B 155 20.25 -3.32 28.37
N TYR B 156 19.92 -2.43 27.42
CA TYR B 156 19.77 -1.00 27.71
C TYR B 156 18.71 -0.78 28.79
N ALA B 157 17.53 -1.38 28.67
CA ALA B 157 16.44 -1.30 29.65
C ALA B 157 16.97 -1.71 31.04
N GLN B 158 17.70 -2.82 31.10
CA GLN B 158 18.32 -3.29 32.38
C GLN B 158 19.28 -2.24 32.91
N SER B 159 20.03 -1.54 32.04
CA SER B 159 21.10 -0.60 32.44
C SER B 159 20.52 0.68 33.09
N ILE B 160 19.23 0.98 32.95
CA ILE B 160 18.57 2.20 33.50
C ILE B 160 17.50 1.82 34.54
N THR B 161 17.44 0.55 34.95
CA THR B 161 16.50 0.07 35.99
C THR B 161 17.27 -0.84 36.93
N ARG B 162 17.24 -2.15 36.68
CA ARG B 162 18.08 -3.11 37.44
C ARG B 162 18.52 -4.21 36.49
N GLU B 163 19.66 -4.81 36.81
CA GLU B 163 20.26 -5.88 36.01
C GLU B 163 19.24 -6.99 35.73
N SER B 164 18.42 -7.36 36.69
CA SER B 164 17.52 -8.53 36.58
C SER B 164 16.13 -8.10 36.12
N LEU B 165 15.96 -6.88 35.59
CA LEU B 165 14.65 -6.47 35.02
C LEU B 165 14.15 -7.58 34.09
N ARG B 166 12.93 -8.06 34.33
CA ARG B 166 12.35 -9.16 33.51
C ARG B 166 11.92 -8.61 32.12
N VAL B 167 12.60 -9.07 31.08
CA VAL B 167 12.26 -8.63 29.71
C VAL B 167 11.81 -9.85 28.94
N LEU B 168 10.61 -9.78 28.37
CA LEU B 168 10.14 -10.80 27.40
C LEU B 168 10.44 -10.29 26.01
N ILE B 169 11.05 -11.15 25.21
CA ILE B 169 11.24 -10.85 23.77
C ILE B 169 10.36 -11.85 23.05
N VAL B 170 9.32 -11.37 22.35
CA VAL B 170 8.51 -12.24 21.48
C VAL B 170 8.93 -11.94 20.06
N ASP B 171 9.35 -12.99 19.39
CA ASP B 171 9.95 -12.90 18.05
C ASP B 171 8.94 -13.56 17.09
N TRP B 172 8.09 -12.77 16.43
CA TRP B 172 7.08 -13.32 15.50
C TRP B 172 7.52 -13.13 14.04
N ASP B 173 8.76 -12.70 13.81
CA ASP B 173 9.37 -12.76 12.48
C ASP B 173 9.29 -14.24 12.04
N VAL B 174 9.11 -14.51 10.75
CA VAL B 174 8.98 -15.91 10.26
C VAL B 174 10.29 -16.71 10.43
N HIS B 175 11.43 -16.01 10.52
CA HIS B 175 12.78 -16.60 10.75
C HIS B 175 13.09 -16.69 12.25
N HIS B 176 13.83 -17.72 12.63
CA HIS B 176 14.37 -17.80 14.01
C HIS B 176 15.36 -16.69 14.31
N GLY B 177 15.21 -16.00 15.46
CA GLY B 177 16.27 -15.07 15.88
C GLY B 177 17.39 -15.82 16.59
N ASN B 178 18.23 -16.50 15.80
CA ASN B 178 19.43 -17.22 16.28
C ASN B 178 20.28 -16.30 17.17
N GLY B 179 20.49 -15.03 16.79
CA GLY B 179 21.27 -14.06 17.57
C GLY B 179 20.69 -13.89 18.96
N THR B 180 19.40 -13.61 19.03
CA THR B 180 18.71 -13.30 20.29
C THR B 180 18.79 -14.52 21.22
N GLN B 181 18.52 -15.68 20.68
CA GLN B 181 18.54 -16.95 21.44
C GLN B 181 19.91 -17.14 22.07
N HIS B 182 20.96 -16.91 21.30
CA HIS B 182 22.34 -17.15 21.72
C HIS B 182 22.73 -16.12 22.77
N ILE B 183 22.46 -14.84 22.52
CA ILE B 183 22.81 -13.79 23.52
C ILE B 183 22.16 -14.13 24.87
N PHE B 184 20.94 -14.67 24.92
CA PHE B 184 20.25 -14.81 26.22
C PHE B 184 20.14 -16.27 26.70
N GLU B 185 20.89 -17.19 26.06
CA GLU B 185 20.69 -18.66 26.21
C GLU B 185 20.90 -19.12 27.66
N GLU B 186 21.77 -18.45 28.39
CA GLU B 186 22.10 -18.74 29.81
C GLU B 186 21.49 -17.69 30.74
N ASP B 187 20.54 -16.88 30.26
CA ASP B 187 19.93 -15.76 31.00
C ASP B 187 18.48 -16.11 31.44
N ASP B 188 18.15 -15.95 32.72
CA ASP B 188 16.77 -16.14 33.22
C ASP B 188 16.11 -14.77 33.42
N SER B 189 16.78 -13.67 33.07
CA SER B 189 16.19 -12.31 33.11
C SER B 189 15.47 -12.00 31.79
N VAL B 190 15.89 -12.62 30.70
CA VAL B 190 15.34 -12.34 29.34
C VAL B 190 14.74 -13.62 28.83
N LEU B 191 13.41 -13.68 28.83
CA LEU B 191 12.62 -14.80 28.28
C LEU B 191 12.52 -14.58 26.78
N TYR B 192 13.07 -15.51 26.00
CA TYR B 192 13.01 -15.43 24.50
C TYR B 192 11.97 -16.44 24.04
N ILE B 193 10.98 -15.95 23.27
CA ILE B 193 9.95 -16.79 22.62
C ILE B 193 9.94 -16.46 21.13
N SER B 194 10.40 -17.40 20.30
CA SER B 194 10.36 -17.29 18.81
C SER B 194 9.28 -18.24 18.25
N LEU B 195 8.45 -17.72 17.35
CA LEU B 195 7.67 -18.52 16.38
C LEU B 195 8.38 -18.36 15.04
N HIS B 196 8.63 -19.46 14.36
CA HIS B 196 9.40 -19.43 13.11
C HIS B 196 9.11 -20.66 12.25
N ARG B 197 9.06 -20.45 10.96
CA ARG B 197 9.18 -21.54 9.96
C ARG B 197 10.56 -22.19 10.12
N TYR B 198 10.57 -23.53 10.07
CA TYR B 198 11.77 -24.33 10.34
C TYR B 198 12.01 -25.32 9.20
N GLU B 199 11.00 -26.14 8.89
CA GLU B 199 11.03 -27.13 7.77
C GLU B 199 12.21 -28.08 8.04
N ASP B 200 12.37 -28.53 9.30
CA ASP B 200 13.38 -29.54 9.74
C ASP B 200 14.77 -29.06 9.34
N GLY B 201 14.96 -27.75 9.32
CA GLY B 201 16.27 -27.17 8.99
C GLY B 201 16.44 -26.66 7.59
N ALA B 202 15.48 -26.86 6.69
CA ALA B 202 15.55 -26.37 5.29
C ALA B 202 15.31 -24.85 5.22
N PHE B 203 14.59 -24.27 6.20
CA PHE B 203 14.22 -22.82 6.24
C PHE B 203 15.38 -22.02 6.90
N PHE B 204 15.77 -20.89 6.33
CA PHE B 204 16.80 -19.99 6.89
C PHE B 204 16.48 -19.60 8.34
N PRO B 205 17.45 -19.57 9.27
CA PRO B 205 18.88 -19.81 8.97
C PRO B 205 19.47 -21.23 9.07
N ASN B 206 18.63 -22.26 8.92
CA ASN B 206 19.04 -23.64 8.51
C ASN B 206 19.82 -24.36 9.63
N SER B 207 19.43 -24.14 10.89
CA SER B 207 20.14 -24.66 12.08
C SER B 207 19.17 -25.37 13.02
N GLU B 208 19.62 -26.50 13.58
CA GLU B 208 18.82 -27.22 14.60
C GLU B 208 18.66 -26.35 15.85
N ASP B 209 19.47 -25.31 16.01
CA ASP B 209 19.33 -24.31 17.12
C ASP B 209 17.88 -23.82 17.21
N ALA B 210 17.13 -23.87 16.09
CA ALA B 210 15.76 -23.30 16.01
C ALA B 210 14.76 -24.34 16.52
N ASN B 211 15.17 -25.54 16.93
CA ASN B 211 14.15 -26.59 17.22
C ASN B 211 13.57 -26.46 18.63
N TYR B 212 12.40 -27.09 18.86
CA TYR B 212 11.64 -26.96 20.12
C TYR B 212 12.45 -27.44 21.33
N ASP B 213 13.45 -28.30 21.10
CA ASP B 213 14.19 -28.96 22.21
C ASP B 213 15.29 -28.04 22.75
N LYS B 214 15.53 -26.86 22.14
CA LYS B 214 16.51 -25.87 22.65
C LYS B 214 15.77 -24.99 23.70
N VAL B 215 15.93 -25.30 24.98
CA VAL B 215 15.04 -24.75 26.04
C VAL B 215 15.83 -23.75 26.89
N GLY B 216 17.07 -23.47 26.53
CA GLY B 216 18.00 -22.66 27.32
C GLY B 216 18.99 -23.50 28.11
N LEU B 217 20.08 -22.86 28.53
CA LEU B 217 21.26 -23.50 29.16
C LEU B 217 21.45 -22.98 30.60
N GLY B 218 22.00 -23.84 31.46
CA GLY B 218 22.31 -23.47 32.86
C GLY B 218 21.14 -22.81 33.55
N LYS B 219 21.40 -21.65 34.15
CA LYS B 219 20.40 -20.75 34.77
C LYS B 219 19.25 -20.48 33.78
N GLY B 220 19.54 -20.48 32.49
CA GLY B 220 18.57 -20.08 31.44
C GLY B 220 17.65 -21.21 31.00
N ARG B 221 17.76 -22.41 31.59
CA ARG B 221 16.87 -23.54 31.23
C ARG B 221 15.41 -23.19 31.54
N GLY B 222 14.56 -23.28 30.51
CA GLY B 222 13.15 -22.89 30.49
C GLY B 222 12.92 -21.50 29.91
N TYR B 223 13.95 -20.72 29.69
CA TYR B 223 13.78 -19.28 29.32
C TYR B 223 14.06 -19.07 27.84
N ASN B 224 14.09 -20.16 27.07
CA ASN B 224 14.16 -20.12 25.60
C ASN B 224 13.05 -21.01 25.05
N VAL B 225 12.13 -20.43 24.29
CA VAL B 225 10.94 -21.15 23.80
C VAL B 225 10.94 -21.03 22.27
N ASN B 226 11.36 -22.09 21.59
CA ASN B 226 11.24 -22.20 20.11
C ASN B 226 9.96 -22.91 19.71
N ILE B 227 9.15 -22.24 18.90
CA ILE B 227 7.92 -22.81 18.29
C ILE B 227 8.16 -22.91 16.80
N PRO B 228 8.68 -24.06 16.32
CA PRO B 228 9.03 -24.28 14.92
C PRO B 228 7.88 -24.89 14.09
N TRP B 229 7.62 -24.26 12.96
CA TRP B 229 6.65 -24.76 11.97
C TRP B 229 7.33 -25.61 10.90
N ASN B 230 6.66 -26.68 10.61
CA ASN B 230 7.02 -27.63 9.51
C ASN B 230 5.81 -27.99 8.66
N GLY B 231 6.02 -28.19 7.36
CA GLY B 231 5.06 -28.85 6.44
C GLY B 231 3.65 -28.28 6.50
N GLY B 232 3.45 -27.07 5.97
CA GLY B 232 2.21 -26.29 6.22
C GLY B 232 2.37 -24.76 6.11
N LYS B 233 1.39 -24.14 5.47
CA LYS B 233 1.34 -22.68 5.18
C LYS B 233 0.59 -22.08 6.36
N MET B 234 1.29 -21.59 7.36
CA MET B 234 0.63 -21.33 8.65
C MET B 234 0.01 -19.94 8.58
N GLY B 235 -1.05 -19.71 9.32
CA GLY B 235 -1.73 -18.41 9.36
C GLY B 235 -2.27 -18.07 10.72
N ASP B 236 -3.27 -17.20 10.74
CA ASP B 236 -3.93 -16.73 11.98
C ASP B 236 -4.29 -17.92 12.89
N PRO B 237 -4.90 -19.03 12.41
CA PRO B 237 -5.33 -20.09 13.35
C PRO B 237 -4.19 -20.65 14.18
N GLU B 238 -3.04 -20.85 13.52
CA GLU B 238 -1.87 -21.53 14.11
C GLU B 238 -1.17 -20.55 15.06
N TYR B 239 -1.18 -19.26 14.76
CA TYR B 239 -0.49 -18.26 15.60
C TYR B 239 -1.38 -17.95 16.81
N MET B 240 -2.68 -17.87 16.59
CA MET B 240 -3.67 -17.71 17.70
C MET B 240 -3.56 -18.91 18.66
N ALA B 241 -3.43 -20.15 18.16
CA ALA B 241 -3.27 -21.38 18.99
C ALA B 241 -1.96 -21.35 19.77
N ALA B 242 -0.85 -20.99 19.11
CA ALA B 242 0.46 -20.93 19.77
C ALA B 242 0.38 -19.93 20.92
N PHE B 243 -0.24 -18.77 20.69
CA PHE B 243 -0.37 -17.72 21.70
C PHE B 243 -1.26 -18.25 22.83
N HIS B 244 -2.34 -18.95 22.49
CA HIS B 244 -3.30 -19.43 23.51
C HIS B 244 -2.61 -20.45 24.41
N HIS B 245 -1.93 -21.44 23.82
CA HIS B 245 -1.43 -22.65 24.52
C HIS B 245 -0.01 -22.45 25.07
N LEU B 246 0.79 -21.54 24.50
CA LEU B 246 2.25 -21.47 24.81
C LEU B 246 2.64 -20.03 25.19
N VAL B 247 2.50 -19.06 24.29
CA VAL B 247 3.16 -17.74 24.49
C VAL B 247 2.54 -17.07 25.71
N MET B 248 1.21 -17.05 25.82
CA MET B 248 0.55 -16.23 26.86
C MET B 248 0.64 -16.94 28.23
N PRO B 249 0.38 -18.26 28.35
CA PRO B 249 0.62 -18.95 29.63
C PRO B 249 2.03 -18.79 30.19
N ILE B 250 3.07 -19.00 29.38
CA ILE B 250 4.48 -18.81 29.82
C ILE B 250 4.73 -17.34 30.17
N ALA B 251 4.41 -16.41 29.28
CA ALA B 251 4.64 -14.96 29.52
C ALA B 251 3.98 -14.53 30.84
N ARG B 252 2.73 -14.95 31.11
CA ARG B 252 2.01 -14.52 32.32
C ARG B 252 2.76 -15.05 33.53
N GLU B 253 3.21 -16.31 33.48
CA GLU B 253 3.99 -16.94 34.59
C GLU B 253 5.37 -16.24 34.76
N PHE B 254 6.03 -15.81 33.69
CA PHE B 254 7.33 -15.08 33.78
C PHE B 254 7.11 -13.67 34.37
N ALA B 255 5.95 -13.09 34.09
CA ALA B 255 5.50 -11.76 34.60
C ALA B 255 6.53 -10.71 34.20
N PRO B 256 6.70 -10.47 32.90
CA PRO B 256 7.71 -9.51 32.44
C PRO B 256 7.37 -8.09 32.91
N GLU B 257 8.43 -7.26 32.95
CA GLU B 257 8.36 -5.84 33.33
C GLU B 257 8.49 -4.96 32.07
N LEU B 258 8.86 -5.57 30.93
CA LEU B 258 8.96 -4.91 29.63
C LEU B 258 8.79 -6.02 28.60
N VAL B 259 8.06 -5.73 27.54
CA VAL B 259 7.85 -6.65 26.39
C VAL B 259 8.52 -5.96 25.19
N LEU B 260 9.49 -6.66 24.58
CA LEU B 260 10.01 -6.29 23.26
C LEU B 260 9.45 -7.30 22.26
N VAL B 261 8.91 -6.80 21.15
CA VAL B 261 8.47 -7.66 20.03
C VAL B 261 9.50 -7.50 18.93
N SER B 262 10.23 -8.58 18.65
CA SER B 262 10.99 -8.70 17.39
C SER B 262 9.94 -8.85 16.28
N ALA B 263 9.42 -7.73 15.78
CA ALA B 263 8.19 -7.71 14.95
C ALA B 263 8.59 -7.71 13.47
N GLY B 264 9.15 -8.81 12.97
CA GLY B 264 9.19 -9.03 11.52
C GLY B 264 7.79 -9.24 11.01
N PHE B 265 7.47 -8.75 9.81
CA PHE B 265 6.16 -9.02 9.20
C PHE B 265 6.31 -9.89 7.95
N ASP B 266 7.27 -10.80 7.98
CA ASP B 266 7.53 -11.75 6.87
C ASP B 266 6.79 -13.06 7.02
N ALA B 267 6.05 -13.26 8.10
CA ALA B 267 5.02 -14.31 8.16
C ALA B 267 3.67 -13.83 7.56
N ALA B 268 3.61 -12.63 7.02
CA ALA B 268 2.35 -12.07 6.51
C ALA B 268 1.94 -12.71 5.19
N ARG B 269 0.63 -12.86 5.00
CA ARG B 269 -0.02 -13.09 3.68
CA ARG B 269 0.02 -13.12 3.67
C ARG B 269 0.70 -12.21 2.64
N GLY B 270 1.21 -12.82 1.56
CA GLY B 270 1.85 -12.13 0.43
C GLY B 270 3.34 -11.94 0.58
N ASP B 271 3.96 -12.31 1.71
CA ASP B 271 5.42 -12.15 1.79
C ASP B 271 6.08 -13.17 0.86
N PRO B 272 7.03 -12.77 -0.02
CA PRO B 272 7.67 -13.69 -0.97
C PRO B 272 8.69 -14.60 -0.27
N LEU B 273 9.21 -14.18 0.89
CA LEU B 273 10.28 -14.96 1.59
C LEU B 273 9.66 -15.85 2.66
N GLY B 274 8.53 -15.47 3.25
CA GLY B 274 7.93 -16.27 4.34
C GLY B 274 7.02 -17.37 3.88
N GLY B 275 6.16 -17.09 2.90
CA GLY B 275 5.29 -18.16 2.41
C GLY B 275 4.14 -18.50 3.35
N PHE B 276 3.86 -17.66 4.35
CA PHE B 276 2.77 -17.83 5.34
C PHE B 276 1.65 -16.81 5.07
N GLN B 277 0.59 -16.86 5.88
CA GLN B 277 -0.69 -16.17 5.65
C GLN B 277 -1.20 -15.42 6.88
N VAL B 278 -0.31 -14.97 7.78
CA VAL B 278 -0.76 -14.14 8.93
C VAL B 278 -1.30 -12.83 8.34
N THR B 279 -2.49 -12.45 8.78
CA THR B 279 -3.20 -11.24 8.30
C THR B 279 -2.86 -10.07 9.20
N PRO B 280 -3.08 -8.81 8.72
CA PRO B 280 -2.97 -7.62 9.56
C PRO B 280 -3.81 -7.73 10.82
N GLU B 281 -5.03 -8.26 10.70
CA GLU B 281 -5.92 -8.51 11.85
C GLU B 281 -5.28 -9.53 12.79
N GLY B 282 -4.59 -10.55 12.26
CA GLY B 282 -3.81 -11.51 13.07
C GLY B 282 -2.78 -10.79 13.92
N TYR B 283 -1.94 -9.97 13.30
CA TYR B 283 -0.95 -9.17 14.03
C TYR B 283 -1.62 -8.22 15.04
N ALA B 284 -2.76 -7.64 14.71
CA ALA B 284 -3.47 -6.77 15.68
C ALA B 284 -3.84 -7.62 16.90
N HIS B 285 -4.37 -8.82 16.70
CA HIS B 285 -4.75 -9.71 17.83
C HIS B 285 -3.52 -10.10 18.67
N LEU B 286 -2.40 -10.47 18.04
CA LEU B 286 -1.19 -10.83 18.81
C LEU B 286 -0.74 -9.59 19.61
N THR B 287 -0.69 -8.42 18.99
CA THR B 287 -0.32 -7.18 19.72
C THR B 287 -1.26 -6.99 20.93
N HIS B 288 -2.57 -7.12 20.76
CA HIS B 288 -3.56 -6.87 21.85
C HIS B 288 -3.33 -7.85 23.01
N GLN B 289 -3.02 -9.10 22.72
CA GLN B 289 -2.65 -10.10 23.76
C GLN B 289 -1.39 -9.73 24.51
N LEU B 290 -0.34 -9.28 23.82
CA LEU B 290 0.88 -8.89 24.53
C LEU B 290 0.62 -7.64 25.40
N MET B 291 -0.32 -6.77 25.01
CA MET B 291 -0.58 -5.53 25.78
C MET B 291 -1.15 -5.87 27.18
N SER B 292 -1.59 -7.10 27.39
CA SER B 292 -2.11 -7.57 28.71
C SER B 292 -0.94 -7.88 29.66
N LEU B 293 0.31 -7.75 29.20
CA LEU B 293 1.54 -8.02 29.98
C LEU B 293 2.24 -6.71 30.36
N ALA B 294 3.00 -6.73 31.47
CA ALA B 294 4.02 -5.73 31.80
C ALA B 294 3.32 -4.36 31.95
N ALA B 295 2.07 -4.40 32.42
CA ALA B 295 1.21 -3.20 32.56
C ALA B 295 1.19 -2.44 31.24
N GLY B 296 1.23 -3.17 30.12
CA GLY B 296 1.10 -2.56 28.79
C GLY B 296 2.43 -2.02 28.27
N ARG B 297 3.56 -2.26 28.93
CA ARG B 297 4.86 -1.68 28.47
C ARG B 297 5.38 -2.57 27.31
N VAL B 298 4.98 -2.20 26.08
CA VAL B 298 5.29 -2.99 24.84
C VAL B 298 6.04 -2.12 23.85
N LEU B 299 7.20 -2.59 23.39
CA LEU B 299 7.95 -1.92 22.31
C LEU B 299 7.97 -2.86 21.11
N ILE B 300 7.40 -2.41 20.00
CA ILE B 300 7.29 -3.17 18.72
C ILE B 300 8.41 -2.72 17.80
N ILE B 301 9.34 -3.61 17.51
CA ILE B 301 10.59 -3.26 16.77
C ILE B 301 10.46 -3.97 15.41
N LEU B 302 10.50 -3.22 14.33
CA LEU B 302 10.58 -3.84 12.97
C LEU B 302 11.82 -4.73 12.83
N GLU B 303 11.60 -5.95 12.31
CA GLU B 303 12.66 -6.91 11.89
C GLU B 303 12.51 -7.06 10.38
N GLY B 304 12.22 -8.26 9.90
CA GLY B 304 11.95 -8.50 8.48
C GLY B 304 10.53 -8.16 8.05
N GLY B 305 10.20 -8.58 6.83
CA GLY B 305 8.92 -8.26 6.15
C GLY B 305 9.18 -7.54 4.85
N TYR B 306 8.72 -8.10 3.71
CA TYR B 306 9.30 -7.80 2.39
C TYR B 306 8.21 -7.39 1.40
N ASN B 307 6.95 -7.78 1.60
CA ASN B 307 5.81 -7.29 0.80
C ASN B 307 5.48 -5.89 1.31
N LEU B 308 5.78 -4.84 0.53
CA LEU B 308 5.67 -3.46 1.05
C LEU B 308 4.24 -3.16 1.50
N THR B 309 3.25 -3.60 0.77
CA THR B 309 1.84 -3.38 1.18
C THR B 309 1.53 -4.12 2.48
N SER B 310 1.88 -5.39 2.55
CA SER B 310 1.54 -6.26 3.71
C SER B 310 2.18 -5.71 5.00
N ILE B 311 3.47 -5.36 4.97
CA ILE B 311 4.18 -4.86 6.19
C ILE B 311 3.60 -3.51 6.61
N SER B 312 3.25 -2.64 5.63
CA SER B 312 2.65 -1.32 5.90
C SER B 312 1.31 -1.49 6.62
N GLU B 313 0.47 -2.41 6.16
CA GLU B 313 -0.85 -2.67 6.79
C GLU B 313 -0.69 -3.39 8.16
N SER B 314 0.19 -4.40 8.25
CA SER B 314 0.40 -5.20 9.48
C SER B 314 0.94 -4.31 10.61
N MET B 315 2.05 -3.60 10.38
CA MET B 315 2.67 -2.83 11.46
C MET B 315 1.76 -1.69 11.90
N SER B 316 1.08 -1.02 10.96
N SER B 316 1.05 -1.04 10.97
CA SER B 316 0.10 0.06 11.25
CA SER B 316 0.15 0.08 11.29
C SER B 316 -1.01 -0.51 12.16
C SER B 316 -1.06 -0.46 12.09
N MET B 317 -1.48 -1.70 11.89
CA MET B 317 -2.53 -2.36 12.71
C MET B 317 -2.00 -2.61 14.14
N CYS B 318 -0.71 -2.86 14.27
CA CYS B 318 -0.12 -3.05 15.61
C CYS B 318 -0.12 -1.70 16.32
N THR B 319 0.22 -0.61 15.61
CA THR B 319 0.24 0.73 16.23
C THR B 319 -1.17 1.08 16.68
N SER B 320 -2.15 0.79 15.84
CA SER B 320 -3.59 1.02 16.17
C SER B 320 -3.96 0.32 17.48
N MET B 321 -3.50 -0.88 17.66
CA MET B 321 -3.77 -1.67 18.90
C MET B 321 -3.10 -1.00 20.10
N LEU B 322 -1.82 -0.57 19.94
CA LEU B 322 -1.08 0.11 21.03
C LEU B 322 -1.81 1.39 21.42
N LEU B 323 -2.44 2.10 20.47
CA LEU B 323 -3.16 3.37 20.72
C LEU B 323 -4.51 3.13 21.43
N GLY B 324 -4.91 1.88 21.61
CA GLY B 324 -6.13 1.50 22.32
C GLY B 324 -7.32 1.28 21.40
N ASP B 325 -7.14 1.30 20.07
CA ASP B 325 -8.27 1.00 19.13
C ASP B 325 -8.76 -0.43 19.33
N SER B 326 -10.06 -0.66 19.10
CA SER B 326 -10.66 -1.99 19.35
C SER B 326 -10.11 -2.97 18.32
N PRO B 327 -9.78 -4.22 18.74
CA PRO B 327 -9.38 -5.25 17.81
C PRO B 327 -10.34 -5.47 16.65
N PRO B 328 -9.81 -5.57 15.42
CA PRO B 328 -10.62 -5.96 14.27
C PRO B 328 -11.00 -7.43 14.40
N SER B 329 -12.09 -7.82 13.76
CA SER B 329 -12.56 -9.22 13.67
C SER B 329 -11.60 -10.06 12.80
N LEU B 330 -11.32 -11.30 13.24
CA LEU B 330 -10.53 -12.31 12.47
C LEU B 330 -11.46 -13.06 11.49
N ASP B 331 -10.87 -13.61 10.43
CA ASP B 331 -11.55 -14.63 9.57
C ASP B 331 -11.80 -15.87 10.42
N HIS B 332 -12.73 -16.73 9.98
CA HIS B 332 -13.06 -17.99 10.70
C HIS B 332 -11.74 -18.72 10.93
N LEU B 333 -11.40 -19.00 12.20
CA LEU B 333 -10.24 -19.82 12.57
C LEU B 333 -10.64 -21.28 12.30
N THR B 334 -10.22 -21.76 11.13
CA THR B 334 -10.30 -23.17 10.68
C THR B 334 -9.43 -24.01 11.61
N PRO B 335 -9.78 -25.29 11.86
CA PRO B 335 -8.88 -26.20 12.57
C PRO B 335 -7.45 -26.03 12.05
N LEU B 336 -6.46 -26.33 12.90
CA LEU B 336 -5.03 -26.13 12.59
C LEU B 336 -4.57 -27.11 11.50
N LYS B 337 -3.51 -26.75 10.79
CA LYS B 337 -2.71 -27.72 9.98
C LYS B 337 -2.25 -28.82 10.96
N THR B 338 -2.21 -30.07 10.49
CA THR B 338 -1.87 -31.26 11.32
C THR B 338 -0.48 -31.09 11.96
N SER B 339 0.53 -30.64 11.21
CA SER B 339 1.89 -30.43 11.74
C SER B 339 1.94 -29.28 12.75
N ALA B 340 1.01 -28.33 12.69
CA ALA B 340 0.97 -27.20 13.66
C ALA B 340 0.67 -27.78 15.03
N THR B 341 -0.40 -28.58 15.13
CA THR B 341 -0.79 -29.26 16.40
C THR B 341 0.40 -30.08 16.90
N VAL B 342 1.07 -30.82 16.01
CA VAL B 342 2.31 -31.57 16.36
C VAL B 342 3.38 -30.59 16.91
N SER B 343 3.60 -29.42 16.29
CA SER B 343 4.64 -28.46 16.75
C SER B 343 4.31 -27.98 18.17
N ILE B 344 3.10 -27.49 18.37
CA ILE B 344 2.61 -26.95 19.66
C ILE B 344 2.75 -28.04 20.72
N ASN B 345 2.37 -29.30 20.45
CA ASN B 345 2.53 -30.39 21.45
C ASN B 345 4.00 -30.69 21.71
N ASN B 346 4.86 -30.56 20.71
CA ASN B 346 6.31 -30.77 20.93
C ASN B 346 6.82 -29.72 21.91
N VAL B 347 6.42 -28.44 21.74
CA VAL B 347 6.89 -27.38 22.66
C VAL B 347 6.28 -27.57 24.05
N LEU B 348 4.99 -27.94 24.13
CA LEU B 348 4.32 -28.19 25.43
C LEU B 348 5.11 -29.25 26.18
N ARG B 349 5.47 -30.35 25.51
CA ARG B 349 6.27 -31.45 26.12
C ARG B 349 7.64 -30.93 26.54
N ALA B 350 8.31 -30.10 25.73
CA ALA B 350 9.67 -29.62 26.09
C ALA B 350 9.59 -28.65 27.31
N HIS B 351 8.54 -27.86 27.46
CA HIS B 351 8.54 -26.72 28.42
C HIS B 351 7.71 -26.99 29.67
N ALA B 352 6.88 -28.03 29.67
CA ALA B 352 5.98 -28.33 30.81
C ALA B 352 6.79 -28.58 32.08
N PRO B 353 8.01 -29.19 32.03
CA PRO B 353 8.88 -29.27 33.21
C PRO B 353 9.34 -27.93 33.81
N PHE B 354 9.28 -26.82 33.06
CA PHE B 354 9.80 -25.48 33.49
C PHE B 354 8.67 -24.52 33.87
N TRP B 355 7.42 -24.73 33.41
CA TRP B 355 6.30 -23.75 33.52
C TRP B 355 5.06 -24.48 34.03
N SER B 356 4.65 -24.17 35.24
CA SER B 356 3.52 -24.84 35.94
C SER B 356 2.22 -24.56 35.19
N SER B 357 2.08 -23.38 34.55
CA SER B 357 0.92 -22.96 33.72
C SER B 357 0.68 -23.92 32.54
N LEU B 358 1.65 -24.75 32.16
CA LEU B 358 1.49 -25.73 31.05
C LEU B 358 1.00 -27.06 31.64
N ARG B 359 1.32 -27.33 32.91
CA ARG B 359 1.00 -28.59 33.64
C ARG B 359 -0.39 -28.46 34.29
ZN ZN C . -10.46 13.86 -9.65
K K D . -16.73 12.09 -12.53
K K E . -22.31 13.52 -25.51
N1 N28 F . -0.16 20.26 -1.96
N1 N28 F . -0.69 21.58 -1.07
C1 N28 F . -1.36 19.56 -1.48
C1 N28 F . -0.92 20.37 -1.89
C2 N28 F . -2.62 19.80 -2.28
C2 N28 F . -2.04 20.53 -2.90
C3 N28 F . -2.63 20.57 -3.44
C3 N28 F . -1.90 21.32 -4.02
C4 N28 F . -3.80 20.77 -4.15
C4 N28 F . -2.94 21.48 -4.93
C5 N28 F . -5.00 20.23 -3.71
C5 N28 F . -4.15 20.84 -4.71
N2 N28 F . -6.16 20.45 -4.47
N2 N28 F . -5.24 20.95 -5.60
C6 N28 F . -6.16 21.14 -5.63
C6 N28 F . -6.53 21.27 -5.29
O1 N28 F . -5.10 21.58 -6.07
O1 N28 F . -6.97 21.32 -4.15
N3 N28 F . -7.28 21.21 -6.40
N3 N28 F . -7.38 21.52 -6.31
C7 N28 F . -8.60 21.64 -5.90
C7 N28 F . -8.76 21.93 -6.06
C8 N28 F . -8.73 23.14 -5.65
C8 N28 F . -8.98 23.43 -6.16
C9 N28 F . -8.33 23.99 -6.84
C9 N28 F . -7.73 24.26 -5.83
C10 N28 F . -8.19 25.45 -6.47
C10 N28 F . -7.98 25.71 -5.45
O2 N28 F . -9.26 25.88 -5.61
O2 N28 F . -7.57 26.64 -6.47
C11 N28 F . -7.21 20.99 -7.85
C11 N28 F . -6.99 21.32 -7.72
C12 N28 F . -7.66 19.62 -8.30
C12 N28 F . -7.32 19.95 -8.27
C13 N28 F . -8.06 18.65 -7.40
C13 N28 F . -7.46 18.83 -7.46
C14 N28 F . -8.42 17.38 -7.83
C14 N28 F . -7.71 17.57 -8.02
C15 N28 F . -8.42 17.05 -9.19
C15 N28 F . -7.84 17.41 -9.39
C16 N28 F . -8.84 15.69 -9.68
C16 N28 F . -7.99 16.14 -10.18
O3 N28 F . -8.34 14.66 -9.20
O3 N28 F . -7.27 15.94 -11.15
N4 N28 F . -9.80 15.68 -10.59
N4 N28 F . -8.76 15.14 -9.77
O4 N28 F . -10.05 14.66 -11.49
O4 N28 F . -8.63 13.98 -10.50
C17 N28 F . -8.04 18.03 -10.08
C17 N28 F . -7.61 18.52 -10.18
C18 N28 F . -7.64 19.29 -9.65
C18 N28 F . -7.38 19.77 -9.64
C19 N28 F . -5.00 19.46 -2.56
C19 N28 F . -4.29 20.02 -3.60
C20 N28 F . -3.82 19.25 -1.86
C20 N28 F . -3.25 19.87 -2.71
C1 EDO G . -17.94 -2.68 -34.78
O1 EDO G . -18.91 -2.06 -33.97
C2 EDO G . -16.56 -2.34 -34.37
O2 EDO G . -16.31 -2.72 -33.02
C1 EDO H . -24.54 19.94 -21.76
O1 EDO H . -23.42 19.35 -22.24
C2 EDO H . -24.71 21.27 -22.13
O2 EDO H . -26.09 21.50 -22.21
C1 EDO I . -18.01 -8.91 -0.81
O1 EDO I . -19.18 -9.66 -1.13
C2 EDO I . -18.31 -7.57 -0.29
O2 EDO I . -17.52 -7.11 0.78
C1 EDO J . 3.77 -11.85 -4.42
O1 EDO J . 2.45 -11.97 -3.90
C2 EDO J . 4.67 -11.06 -3.55
O2 EDO J . 5.21 -9.92 -4.19
C1 EDO K . -0.42 -10.20 -1.51
O1 EDO K . -1.70 -10.67 -1.05
C2 EDO K . -0.11 -8.75 -1.32
O2 EDO K . -0.38 -8.07 -0.07
O2' TOE L . 0.55 22.96 -4.88
CA' TOE L . 1.91 23.13 -5.12
CB' TOE L . 2.20 24.34 -5.97
OC' TOE L . 3.08 24.00 -7.05
CD' TOE L . 2.57 24.37 -8.32
CE' TOE L . 1.47 23.43 -8.69
OF' TOE L . 0.28 24.16 -9.00
CG' TOE L . -0.54 23.50 -9.95
CH' TOE L . -1.22 22.33 -9.34
OI' TOE L . -2.50 22.62 -9.14
CK' TOE L . -2.97 22.48 -7.80
C1 GOL M . -25.55 -0.65 -34.87
O1 GOL M . -25.05 0.56 -35.41
C2 GOL M . -24.42 -1.44 -34.24
O2 GOL M . -24.92 -2.20 -33.14
C3 GOL M . -23.69 -2.33 -35.22
O3 GOL M . -23.87 -3.71 -34.91
CL CL N . 2.13 -10.99 -11.25
ZN ZN O . 12.67 -12.69 8.83
K K P . 10.76 -15.67 14.96
K K Q . 16.82 -16.83 27.78
N1 N28 R . 17.66 -11.77 -5.47
N1 N28 R . 16.26 -12.54 -5.35
C1 N28 R . 16.89 -11.21 -4.34
C1 N28 R . 16.27 -11.50 -4.30
C2 N28 R . 17.09 -11.95 -3.03
C2 N28 R . 16.71 -12.09 -2.98
C3 N28 R . 18.28 -11.80 -2.35
C3 N28 R . 17.97 -11.84 -2.44
C4 N28 R . 18.50 -12.45 -1.14
C4 N28 R . 18.35 -12.42 -1.25
C5 N28 R . 17.53 -13.26 -0.59
C5 N28 R . 17.49 -13.28 -0.58
N2 N28 R . 17.80 -13.92 0.63
N2 N28 R . 17.88 -13.91 0.63
C6 N28 R . 17.31 -15.11 1.04
C6 N28 R . 17.52 -15.15 1.03
O1 N28 R . 16.47 -15.72 0.37
O1 N28 R . 16.80 -15.89 0.34
N3 N28 R . 17.75 -15.65 2.21
N3 N28 R . 17.96 -15.57 2.23
C7 N28 R . 17.44 -17.06 2.52
C7 N28 R . 17.68 -16.94 2.70
C8 N28 R . 18.54 -18.03 2.16
C8 N28 R . 18.61 -18.01 2.13
C9 N28 R . 19.71 -17.40 1.40
C9 N28 R . 19.88 -17.44 1.50
C10 N28 R . 20.59 -18.40 0.66
C10 N28 R . 20.72 -18.46 0.77
O2 N28 R . 21.48 -19.06 1.53
O2 N28 R . 21.41 -19.32 1.68
C11 N28 R . 18.50 -14.92 3.23
C11 N28 R . 18.63 -14.68 3.19
C12 N28 R . 17.68 -14.14 4.25
C12 N28 R . 17.71 -14.12 4.24
C13 N28 R . 18.32 -13.56 5.33
C13 N28 R . 18.21 -13.62 5.44
C14 N28 R . 17.63 -12.84 6.27
C14 N28 R . 17.38 -13.09 6.41
C15 N28 R . 16.25 -12.69 6.19
C15 N28 R . 16.01 -13.05 6.22
C16 N28 R . 15.67 -11.82 7.26
C16 N28 R . 15.09 -12.47 7.26
O3 N28 R . 16.30 -10.87 7.72
O3 N28 R . 13.97 -12.02 6.95
N4 N28 R . 14.45 -12.09 7.71
N4 N28 R . 15.51 -12.46 8.51
O4 N28 R . 14.21 -11.93 9.06
O4 N28 R . 14.61 -12.47 9.58
C17 N28 R . 15.60 -13.26 5.11
C17 N28 R . 15.49 -13.55 5.03
C18 N28 R . 16.30 -14.00 4.15
C18 N28 R . 16.33 -14.08 4.06
C19 N28 R . 16.31 -13.40 -1.26
C19 N28 R . 16.23 -13.54 -1.12
C20 N28 R . 16.10 -12.74 -2.46
C20 N28 R . 15.86 -12.95 -2.32
C1 EDO S . 17.19 -22.05 0.30
C1 EDO S . 18.53 -21.40 0.74
O1 EDO S . 17.51 -23.30 -0.30
O1 EDO S . 18.92 -22.68 0.29
C2 EDO S . 17.56 -20.91 -0.57
C2 EDO S . 17.56 -21.44 1.87
O2 EDO S . 18.57 -21.25 -1.52
O2 EDO S . 18.17 -21.29 3.13
C1 EDO T . 19.20 -24.04 24.41
O1 EDO T . 19.82 -25.10 23.77
C2 EDO T . 19.68 -22.78 23.87
O2 EDO T . 18.86 -21.68 24.01
O1 MXE U . 20.83 -13.83 0.92
C1 MXE U . 21.87 -12.92 0.63
C2 MXE U . 21.46 -11.51 0.82
O2 MXE U . 22.51 -10.73 1.31
C3 MXE U . 23.60 -10.49 0.45
S DMS V . 18.83 -16.03 -4.04
O DMS V . 20.32 -16.00 -4.23
C1 DMS V . 18.22 -14.42 -4.43
C2 DMS V . 18.53 -16.02 -2.29
#